data_7YW9
#
_entry.id   7YW9
#
_cell.length_a   92.951
_cell.length_b   126.671
_cell.length_c   140.188
_cell.angle_alpha   90.000
_cell.angle_beta   90.000
_cell.angle_gamma   90.000
#
_symmetry.space_group_name_H-M   'I 2 2 2'
#
loop_
_entity.id
_entity.type
_entity.pdbx_description
1 polymer CmnC
2 non-polymer 'TRIETHYLENE GLYCOL'
3 non-polymer 'ACETATE ION'
4 non-polymer D-ARGININE
5 water water
#
_entity_poly.entity_id   1
_entity_poly.type   'polypeptide(L)'
_entity_poly.pdbx_seq_one_letter_code
;MGSSHHHHHHSSGLVPRGSHMTAIREIRLSEPESAQAALLALECAQRYAEPDSADFLADAAVLAHDLPRAVRREVERARL
DDRLHALVVRGNDVDQDALGPTPPHWRQARTAASRRYGFLLVLYASLLGDVVGWATQQDGRVVTDVLPIEGQEDSQVGSS
SSVELGWHTEDAFSPYRADYVGLFSLRNPDSVATTVAGLDPDLVGPAVVDVLFGERFHIRPDNSHLPTHNSGGRLSDYFA
GIVEAVENPRAVSILRGHRDAPQLCVDSYFTTAVDGDAEAAGALDTLIKHLGGALYEVVLGPGDVAFLDNRNVVHGRRPF
RARFDGTDRWLKRINVTADLRKSRAARRDAQARVLGEA
;
_entity_poly.pdbx_strand_id   A,B
#
loop_
_chem_comp.id
_chem_comp.type
_chem_comp.name
_chem_comp.formula
ACT non-polymer 'ACETATE ION' 'C2 H3 O2 -1'
PGE non-polymer 'TRIETHYLENE GLYCOL' 'C6 H14 O4'
#
# COMPACT_ATOMS: atom_id res chain seq x y z
N MET A 21 -16.97 -17.80 -3.91
CA MET A 21 -16.78 -19.20 -3.42
C MET A 21 -15.37 -19.38 -2.82
N THR A 22 -14.42 -18.52 -3.19
CA THR A 22 -13.05 -18.46 -2.60
C THR A 22 -12.97 -17.34 -1.55
N ALA A 23 -14.11 -16.82 -1.07
CA ALA A 23 -14.13 -15.74 -0.06
C ALA A 23 -13.34 -16.19 1.17
N ILE A 24 -13.45 -17.47 1.55
CA ILE A 24 -12.53 -18.09 2.55
C ILE A 24 -11.48 -18.86 1.76
N ARG A 25 -10.23 -18.40 1.77
CA ARG A 25 -9.10 -19.12 1.10
C ARG A 25 -8.33 -19.88 2.18
N GLU A 26 -8.48 -21.21 2.23
CA GLU A 26 -7.92 -22.07 3.31
C GLU A 26 -6.68 -22.77 2.74
N ILE A 27 -5.53 -22.54 3.35
CA ILE A 27 -4.22 -23.20 3.06
C ILE A 27 -3.96 -24.14 4.24
N ARG A 28 -3.99 -25.46 4.04
CA ARG A 28 -3.56 -26.45 5.06
C ARG A 28 -2.07 -26.75 4.85
N LEU A 29 -1.23 -26.41 5.81
CA LEU A 29 0.23 -26.62 5.67
C LEU A 29 0.52 -28.12 5.67
N SER A 30 1.34 -28.57 4.73
CA SER A 30 2.04 -29.88 4.80
C SER A 30 2.94 -29.90 6.04
N GLU A 31 3.44 -31.09 6.45
CA GLU A 31 4.37 -31.22 7.61
C GLU A 31 5.63 -30.42 7.30
N PRO A 32 6.23 -30.56 6.10
CA PRO A 32 7.40 -29.77 5.74
C PRO A 32 7.14 -28.25 5.75
N GLU A 33 5.98 -27.81 5.25
CA GLU A 33 5.63 -26.36 5.18
C GLU A 33 5.51 -25.83 6.61
N SER A 34 4.86 -26.59 7.50
CA SER A 34 4.70 -26.21 8.93
C SER A 34 6.08 -26.14 9.59
N ALA A 35 6.93 -27.14 9.32
CA ALA A 35 8.28 -27.26 9.91
C ALA A 35 9.14 -26.08 9.44
N GLN A 36 9.10 -25.74 8.14
CA GLN A 36 9.90 -24.63 7.56
C GLN A 36 9.46 -23.29 8.16
N ALA A 37 8.16 -23.04 8.31
CA ALA A 37 7.62 -21.82 8.95
C ALA A 37 8.09 -21.73 10.39
N ALA A 38 8.01 -22.83 11.15
CA ALA A 38 8.47 -22.88 12.55
C ALA A 38 9.96 -22.54 12.62
N LEU A 39 10.80 -23.15 11.78
CA LEU A 39 12.28 -22.92 11.79
C LEU A 39 12.58 -21.44 11.51
N LEU A 40 11.89 -20.84 10.55
CA LEU A 40 12.07 -19.40 10.21
C LEU A 40 11.69 -18.53 11.41
N ALA A 41 10.57 -18.82 12.08
CA ALA A 41 10.11 -18.06 13.26
C ALA A 41 11.15 -18.20 14.39
N LEU A 42 11.69 -19.40 14.56
CA LEU A 42 12.67 -19.67 15.66
C LEU A 42 13.98 -18.95 15.35
N GLU A 43 14.41 -18.90 14.08
CA GLU A 43 15.61 -18.14 13.66
C GLU A 43 15.41 -16.66 13.99
N CYS A 44 14.23 -16.11 13.71
CA CYS A 44 13.87 -14.70 14.05
C CYS A 44 13.94 -14.50 15.57
N ALA A 45 13.36 -15.41 16.35
CA ALA A 45 13.38 -15.35 17.84
C ALA A 45 14.83 -15.37 18.34
N GLN A 46 15.71 -16.12 17.67
CA GLN A 46 17.13 -16.19 18.08
C GLN A 46 17.82 -14.84 17.81
N ARG A 47 17.43 -14.14 16.74
CA ARG A 47 18.12 -12.90 16.31
C ARG A 47 17.60 -11.67 17.07
N TYR A 48 16.29 -11.56 17.30
CA TYR A 48 15.64 -10.31 17.73
C TYR A 48 14.96 -10.49 19.07
N ALA A 49 14.79 -9.41 19.85
CA ALA A 49 14.22 -9.44 21.20
C ALA A 49 12.70 -9.67 21.11
N GLU A 50 11.99 -8.72 20.50
CA GLU A 50 10.49 -8.74 20.47
C GLU A 50 10.01 -8.98 19.05
N PRO A 51 8.85 -9.64 18.88
CA PRO A 51 8.25 -9.83 17.56
C PRO A 51 7.87 -8.51 16.88
N ASP A 52 7.94 -7.38 17.59
CA ASP A 52 7.74 -6.04 16.99
C ASP A 52 8.95 -5.14 17.27
N SER A 53 10.13 -5.73 17.50
CA SER A 53 11.40 -4.97 17.57
C SER A 53 11.58 -4.23 16.24
N ALA A 54 12.07 -3.00 16.31
CA ALA A 54 12.26 -2.15 15.12
C ALA A 54 13.16 -2.88 14.12
N ASP A 55 14.25 -3.51 14.56
CA ASP A 55 15.23 -4.11 13.61
C ASP A 55 14.54 -5.27 12.89
N PHE A 56 13.69 -6.03 13.57
CA PHE A 56 12.95 -7.15 12.97
C PHE A 56 11.97 -6.60 11.94
N LEU A 57 11.20 -5.57 12.29
CA LEU A 57 10.14 -5.05 11.39
C LEU A 57 10.77 -4.45 10.13
N ALA A 58 11.96 -3.86 10.22
CA ALA A 58 12.65 -3.31 9.03
C ALA A 58 12.98 -4.44 8.04
N ASP A 59 13.30 -5.64 8.55
CA ASP A 59 13.75 -6.84 7.80
C ASP A 59 12.54 -7.74 7.42
N ALA A 60 11.36 -7.54 8.03
CA ALA A 60 10.24 -8.53 8.05
C ALA A 60 9.72 -8.81 6.63
N ALA A 61 9.57 -7.80 5.78
CA ALA A 61 9.02 -8.01 4.41
C ALA A 61 9.91 -8.99 3.65
N VAL A 62 11.23 -8.96 3.88
CA VAL A 62 12.22 -9.82 3.16
C VAL A 62 12.27 -11.18 3.83
N LEU A 63 12.28 -11.24 5.16
CA LEU A 63 12.27 -12.54 5.89
C LEU A 63 11.00 -13.31 5.54
N ALA A 64 9.87 -12.64 5.37
CA ALA A 64 8.56 -13.28 5.05
C ALA A 64 8.69 -14.09 3.76
N HIS A 65 9.57 -13.69 2.83
CA HIS A 65 9.69 -14.39 1.53
C HIS A 65 10.58 -15.64 1.65
N ASP A 66 11.02 -15.99 2.88
CA ASP A 66 11.65 -17.30 3.17
C ASP A 66 10.59 -18.31 3.61
N LEU A 67 9.32 -17.91 3.71
CA LEU A 67 8.22 -18.87 3.97
C LEU A 67 8.06 -19.76 2.74
N PRO A 68 7.43 -20.94 2.85
CA PRO A 68 7.31 -21.86 1.72
C PRO A 68 6.64 -21.20 0.50
N ARG A 69 7.21 -21.44 -0.67
CA ARG A 69 6.80 -20.83 -1.97
C ARG A 69 5.33 -21.12 -2.23
N ALA A 70 4.89 -22.37 -2.08
CA ALA A 70 3.49 -22.78 -2.35
C ALA A 70 2.54 -21.99 -1.44
N VAL A 71 2.93 -21.74 -0.20
CA VAL A 71 2.12 -20.91 0.75
C VAL A 71 2.10 -19.46 0.26
N ARG A 72 3.25 -18.89 -0.07
CA ARG A 72 3.36 -17.47 -0.53
C ARG A 72 2.48 -17.28 -1.77
N ARG A 73 2.43 -18.26 -2.67
CA ARG A 73 1.60 -18.17 -3.90
C ARG A 73 0.14 -18.02 -3.52
N GLU A 74 -0.35 -18.82 -2.58
CA GLU A 74 -1.77 -18.78 -2.14
C GLU A 74 -2.02 -17.49 -1.36
N VAL A 75 -1.09 -17.02 -0.53
CA VAL A 75 -1.25 -15.74 0.20
C VAL A 75 -1.37 -14.59 -0.82
N GLU A 76 -0.53 -14.59 -1.86
CA GLU A 76 -0.53 -13.55 -2.91
C GLU A 76 -1.88 -13.54 -3.65
N ARG A 77 -2.46 -14.70 -3.93
CA ARG A 77 -3.82 -14.77 -4.54
C ARG A 77 -4.84 -14.12 -3.61
N ALA A 78 -4.74 -14.34 -2.30
CA ALA A 78 -5.67 -13.77 -1.30
C ALA A 78 -5.52 -12.25 -1.30
N ARG A 79 -4.29 -11.75 -1.37
CA ARG A 79 -3.95 -10.31 -1.20
C ARG A 79 -4.63 -9.50 -2.31
N LEU A 80 -4.70 -10.05 -3.53
CA LEU A 80 -5.23 -9.34 -4.72
C LEU A 80 -6.70 -9.71 -4.96
N ASP A 81 -7.29 -10.53 -4.10
CA ASP A 81 -8.74 -10.88 -4.21
C ASP A 81 -9.56 -9.81 -3.47
N ASP A 82 -10.18 -8.90 -4.22
CA ASP A 82 -10.90 -7.75 -3.60
C ASP A 82 -12.28 -8.18 -3.08
N ARG A 83 -12.60 -9.48 -3.15
CA ARG A 83 -13.81 -10.04 -2.52
C ARG A 83 -13.41 -11.05 -1.43
N LEU A 84 -12.13 -11.10 -1.03
CA LEU A 84 -11.68 -11.98 0.08
C LEU A 84 -12.46 -11.66 1.36
N HIS A 85 -12.86 -12.69 2.09
CA HIS A 85 -13.34 -12.56 3.49
C HIS A 85 -12.16 -12.87 4.41
N ALA A 86 -11.56 -14.04 4.28
CA ALA A 86 -10.41 -14.42 5.12
C ALA A 86 -9.52 -15.41 4.40
N LEU A 87 -8.22 -15.18 4.52
CA LEU A 87 -7.15 -16.15 4.28
C LEU A 87 -6.99 -16.93 5.59
N VAL A 88 -7.02 -18.26 5.53
CA VAL A 88 -6.83 -19.10 6.74
C VAL A 88 -5.72 -20.10 6.45
N VAL A 89 -4.60 -19.95 7.16
CA VAL A 89 -3.44 -20.87 7.08
C VAL A 89 -3.58 -21.83 8.26
N ARG A 90 -3.78 -23.11 7.97
CA ARG A 90 -4.00 -24.15 9.01
C ARG A 90 -2.71 -24.91 9.29
N GLY A 91 -2.48 -25.25 10.56
CA GLY A 91 -1.58 -26.34 10.95
C GLY A 91 -0.16 -25.89 11.20
N ASN A 92 0.04 -24.65 11.66
CA ASN A 92 1.39 -24.26 12.15
C ASN A 92 1.70 -25.08 13.40
N ASP A 93 2.98 -25.35 13.63
CA ASP A 93 3.50 -26.04 14.84
C ASP A 93 3.23 -25.16 16.07
N VAL A 94 2.53 -25.68 17.06
CA VAL A 94 2.43 -25.04 18.41
C VAL A 94 2.73 -26.11 19.48
N ASP A 95 3.80 -25.90 20.25
CA ASP A 95 4.20 -26.79 21.37
C ASP A 95 3.46 -26.32 22.63
N GLN A 96 2.34 -26.97 22.95
CA GLN A 96 1.41 -26.61 24.06
C GLN A 96 2.13 -26.72 25.41
N ASP A 97 2.96 -27.75 25.57
CA ASP A 97 3.74 -27.99 26.82
C ASP A 97 4.69 -26.82 27.01
N ALA A 98 5.51 -26.51 26.00
CA ALA A 98 6.50 -25.41 26.06
C ALA A 98 5.77 -24.07 26.24
N LEU A 99 4.57 -23.90 25.67
CA LEU A 99 3.88 -22.58 25.70
C LEU A 99 3.51 -22.21 27.14
N GLY A 100 3.09 -23.18 27.96
CA GLY A 100 2.71 -22.95 29.35
C GLY A 100 1.30 -22.38 29.47
N PRO A 101 0.92 -21.90 30.68
CA PRO A 101 -0.44 -21.44 30.93
C PRO A 101 -0.82 -20.17 30.18
N THR A 102 -2.09 -20.07 29.78
CA THR A 102 -2.68 -18.84 29.22
C THR A 102 -2.61 -17.75 30.29
N PRO A 103 -1.90 -16.64 30.03
CA PRO A 103 -1.81 -15.54 30.99
C PRO A 103 -3.18 -15.00 31.34
N PRO A 104 -3.37 -14.50 32.59
CA PRO A 104 -4.67 -13.99 33.02
C PRO A 104 -4.96 -12.56 32.55
N HIS A 105 -4.03 -11.92 31.83
CA HIS A 105 -4.22 -10.53 31.32
C HIS A 105 -3.28 -10.32 30.13
N TRP A 106 -3.68 -9.48 29.16
CA TRP A 106 -2.82 -9.19 27.98
C TRP A 106 -1.50 -8.56 28.44
N ARG A 107 -1.50 -7.81 29.54
CA ARG A 107 -0.28 -7.10 29.99
C ARG A 107 0.81 -8.13 30.32
N GLN A 108 0.42 -9.33 30.76
CA GLN A 108 1.32 -10.43 31.15
C GLN A 108 1.55 -11.43 30.01
N ALA A 109 1.05 -11.13 28.80
CA ALA A 109 0.97 -12.12 27.69
C ALA A 109 2.18 -12.02 26.75
N ARG A 110 3.10 -11.09 27.00
CA ARG A 110 4.39 -11.00 26.29
C ARG A 110 5.39 -12.00 26.88
N THR A 111 5.05 -13.28 26.86
CA THR A 111 5.81 -14.36 27.53
C THR A 111 6.96 -14.79 26.62
N ALA A 112 8.07 -15.22 27.23
CA ALA A 112 9.22 -15.84 26.52
C ALA A 112 8.71 -16.95 25.57
N ALA A 113 7.89 -17.85 26.07
CA ALA A 113 7.48 -19.08 25.35
C ALA A 113 6.60 -18.74 24.12
N SER A 114 5.89 -17.61 24.12
CA SER A 114 4.95 -17.26 23.02
C SER A 114 5.63 -16.36 21.98
N ARG A 115 6.87 -15.91 22.19
CA ARG A 115 7.56 -15.01 21.24
C ARG A 115 7.53 -15.59 19.82
N ARG A 116 7.89 -16.86 19.66
CA ARG A 116 8.01 -17.54 18.33
C ARG A 116 6.69 -17.40 17.53
N TYR A 117 5.54 -17.36 18.19
CA TYR A 117 4.21 -17.28 17.51
C TYR A 117 3.96 -15.83 17.08
N GLY A 118 4.38 -14.87 17.91
CA GLY A 118 4.46 -13.44 17.55
C GLY A 118 5.29 -13.23 16.28
N PHE A 119 6.50 -13.79 16.25
CA PHE A 119 7.40 -13.63 15.09
C PHE A 119 6.73 -14.24 13.87
N LEU A 120 6.16 -15.44 14.00
CA LEU A 120 5.51 -16.12 12.85
C LEU A 120 4.30 -15.32 12.36
N LEU A 121 3.47 -14.77 13.25
CA LEU A 121 2.29 -13.94 12.85
C LEU A 121 2.79 -12.76 11.99
N VAL A 122 3.87 -12.09 12.43
CA VAL A 122 4.44 -10.93 11.69
C VAL A 122 4.97 -11.40 10.32
N LEU A 123 5.64 -12.54 10.25
CA LEU A 123 6.16 -13.05 8.96
C LEU A 123 5.01 -13.26 7.98
N TYR A 124 3.95 -13.98 8.37
CA TYR A 124 2.77 -14.20 7.48
C TYR A 124 2.19 -12.82 7.12
N ALA A 125 1.98 -11.96 8.12
CA ALA A 125 1.32 -10.65 7.92
C ALA A 125 2.10 -9.84 6.90
N SER A 126 3.44 -9.93 6.93
CA SER A 126 4.32 -9.05 6.11
C SER A 126 4.33 -9.49 4.64
N LEU A 127 3.74 -10.63 4.29
CA LEU A 127 3.36 -10.99 2.89
C LEU A 127 2.21 -10.12 2.37
N LEU A 128 1.36 -9.59 3.25
CA LEU A 128 0.10 -8.89 2.88
C LEU A 128 0.29 -7.38 2.93
N GLY A 129 1.24 -6.89 3.71
CA GLY A 129 1.43 -5.44 3.89
C GLY A 129 2.38 -5.20 5.04
N ASP A 130 2.26 -4.04 5.69
CA ASP A 130 3.15 -3.64 6.81
C ASP A 130 2.36 -3.64 8.11
N VAL A 131 2.96 -4.16 9.17
CA VAL A 131 2.22 -4.30 10.46
C VAL A 131 2.18 -2.95 11.15
N VAL A 132 1.08 -2.64 11.81
CA VAL A 132 0.87 -1.41 12.61
C VAL A 132 0.18 -1.79 13.92
N GLY A 133 0.35 -0.93 14.93
CA GLY A 133 -0.42 -0.95 16.18
C GLY A 133 -1.03 0.42 16.45
N TRP A 134 -1.67 0.56 17.61
CA TRP A 134 -2.40 1.77 18.02
C TRP A 134 -1.86 2.22 19.39
N ALA A 135 -1.51 3.50 19.54
CA ALA A 135 -1.03 4.07 20.82
C ALA A 135 -2.06 3.77 21.92
N THR A 136 -3.33 3.62 21.54
CA THR A 136 -4.51 3.52 22.44
C THR A 136 -5.01 2.08 22.57
N GLN A 137 -4.26 1.08 22.08
CA GLN A 137 -4.64 -0.34 22.26
C GLN A 137 -3.46 -1.11 22.84
N GLN A 138 -3.69 -1.80 23.96
CA GLN A 138 -2.68 -2.66 24.64
C GLN A 138 -1.32 -1.94 24.63
N ASP A 139 -1.31 -0.71 25.12
CA ASP A 139 -0.07 0.06 25.40
C ASP A 139 0.78 0.21 24.14
N GLY A 140 0.16 0.23 22.95
CA GLY A 140 0.88 0.53 21.69
C GLY A 140 1.66 -0.66 21.18
N ARG A 141 1.41 -1.86 21.70
CA ARG A 141 2.01 -3.11 21.19
C ARG A 141 1.53 -3.35 19.75
N VAL A 142 2.41 -3.82 18.87
CA VAL A 142 2.03 -4.18 17.48
C VAL A 142 1.45 -5.60 17.51
N VAL A 143 2.15 -6.55 18.15
CA VAL A 143 1.60 -7.91 18.38
C VAL A 143 0.80 -7.87 19.69
N THR A 144 -0.50 -8.05 19.61
CA THR A 144 -1.43 -7.93 20.77
C THR A 144 -1.94 -9.32 21.13
N ASP A 145 -2.70 -9.41 22.22
CA ASP A 145 -3.17 -10.70 22.78
C ASP A 145 -4.69 -10.66 22.92
N VAL A 146 -5.35 -11.74 22.51
CA VAL A 146 -6.81 -11.93 22.64
C VAL A 146 -7.01 -13.12 23.58
N LEU A 147 -7.32 -12.86 24.84
CA LEU A 147 -7.56 -13.92 25.84
C LEU A 147 -8.57 -13.41 26.85
N PRO A 148 -9.34 -14.33 27.49
CA PRO A 148 -10.40 -13.92 28.40
C PRO A 148 -9.81 -13.43 29.72
N ILE A 149 -10.34 -12.31 30.20
CA ILE A 149 -9.89 -11.66 31.46
C ILE A 149 -11.08 -11.62 32.42
N GLU A 150 -10.87 -12.08 33.66
CA GLU A 150 -11.86 -11.96 34.76
C GLU A 150 -12.29 -10.50 34.92
N GLY A 151 -13.60 -10.26 34.94
CA GLY A 151 -14.17 -8.90 35.02
C GLY A 151 -14.47 -8.32 33.64
N GLN A 152 -14.06 -8.98 32.56
CA GLN A 152 -14.32 -8.50 31.17
C GLN A 152 -15.30 -9.45 30.48
N GLU A 153 -15.90 -10.40 31.21
CA GLU A 153 -16.79 -11.44 30.63
C GLU A 153 -17.83 -10.79 29.71
N ASP A 154 -18.42 -9.67 30.15
CA ASP A 154 -19.66 -9.08 29.56
C ASP A 154 -19.35 -7.81 28.78
N SER A 155 -18.07 -7.50 28.56
CA SER A 155 -17.60 -6.30 27.84
C SER A 155 -17.72 -6.54 26.33
N GLN A 156 -17.45 -5.51 25.55
CA GLN A 156 -17.33 -5.56 24.07
C GLN A 156 -15.87 -5.34 23.66
N VAL A 157 -14.93 -5.93 24.39
CA VAL A 157 -13.50 -5.95 23.97
C VAL A 157 -13.07 -7.41 23.76
N GLY A 158 -11.89 -7.59 23.17
CA GLY A 158 -11.35 -8.90 22.76
C GLY A 158 -11.21 -9.87 23.93
N SER A 159 -11.08 -9.36 25.15
CA SER A 159 -10.89 -10.18 26.37
C SER A 159 -12.23 -10.64 26.95
N SER A 160 -13.34 -10.42 26.25
CA SER A 160 -14.67 -10.88 26.72
C SER A 160 -14.79 -12.40 26.58
N SER A 161 -15.87 -12.98 27.09
CA SER A 161 -16.10 -14.43 27.00
C SER A 161 -17.61 -14.69 26.96
N SER A 162 -18.29 -14.54 28.11
CA SER A 162 -19.71 -14.89 28.30
C SER A 162 -20.61 -14.22 27.25
N VAL A 163 -20.36 -12.96 26.92
CA VAL A 163 -21.21 -12.19 25.96
C VAL A 163 -20.52 -12.17 24.60
N GLU A 164 -21.26 -12.50 23.54
CA GLU A 164 -20.79 -12.48 22.14
C GLU A 164 -20.13 -11.13 21.83
N LEU A 165 -18.93 -11.17 21.24
CA LEU A 165 -18.25 -9.95 20.77
C LEU A 165 -18.97 -9.52 19.49
N GLY A 166 -19.67 -8.39 19.54
CA GLY A 166 -20.49 -7.87 18.43
C GLY A 166 -19.65 -7.67 17.17
N TRP A 167 -20.19 -8.00 16.01
CA TRP A 167 -19.47 -7.85 14.72
C TRP A 167 -19.10 -6.38 14.48
N HIS A 168 -17.94 -6.17 13.88
CA HIS A 168 -17.40 -4.81 13.59
C HIS A 168 -16.27 -4.93 12.58
N THR A 169 -16.15 -3.92 11.74
CA THR A 169 -14.88 -3.52 11.10
C THR A 169 -13.87 -3.13 12.20
N GLU A 170 -12.65 -3.66 12.17
CA GLU A 170 -11.62 -3.30 13.16
C GLU A 170 -11.29 -1.81 13.03
N ASP A 171 -11.33 -1.08 14.15
CA ASP A 171 -11.00 0.37 14.20
C ASP A 171 -11.81 1.13 13.15
N ALA A 172 -13.10 0.83 13.07
CA ALA A 172 -14.03 1.36 12.03
C ALA A 172 -14.01 2.89 12.02
N PHE A 173 -13.79 3.52 13.17
CA PHE A 173 -13.87 4.99 13.36
C PHE A 173 -12.72 5.70 12.63
N SER A 174 -11.63 4.99 12.32
CA SER A 174 -10.36 5.61 11.91
C SER A 174 -10.12 5.50 10.41
N PRO A 175 -9.64 6.61 9.79
CA PRO A 175 -9.19 6.55 8.40
C PRO A 175 -7.94 5.68 8.23
N TYR A 176 -7.24 5.37 9.32
CA TYR A 176 -6.01 4.54 9.33
C TYR A 176 -6.32 3.09 9.74
N ARG A 177 -7.59 2.69 9.76
CA ARG A 177 -7.97 1.30 10.11
C ARG A 177 -7.20 0.34 9.20
N ALA A 178 -6.92 -0.85 9.70
CA ALA A 178 -6.14 -1.88 8.99
C ALA A 178 -6.87 -2.33 7.73
N ASP A 179 -6.09 -2.80 6.75
CA ASP A 179 -6.57 -3.55 5.57
C ASP A 179 -6.78 -5.01 5.96
N TYR A 180 -5.93 -5.59 6.81
CA TYR A 180 -6.11 -6.96 7.34
C TYR A 180 -6.00 -6.97 8.86
N VAL A 181 -6.81 -7.81 9.47
CA VAL A 181 -6.62 -8.21 10.88
C VAL A 181 -6.11 -9.66 10.88
N GLY A 182 -4.94 -9.88 11.48
CA GLY A 182 -4.34 -11.20 11.66
C GLY A 182 -4.64 -11.76 13.04
N LEU A 183 -5.07 -13.02 13.09
CA LEU A 183 -5.40 -13.76 14.33
C LEU A 183 -4.68 -15.11 14.28
N PHE A 184 -3.67 -15.31 15.11
CA PHE A 184 -2.93 -16.59 15.24
C PHE A 184 -3.43 -17.28 16.51
N SER A 185 -4.14 -18.39 16.34
CA SER A 185 -4.67 -19.18 17.48
C SER A 185 -3.54 -20.02 18.07
N LEU A 186 -3.21 -19.80 19.35
CA LEU A 186 -2.23 -20.62 20.09
C LEU A 186 -2.96 -21.79 20.74
N ARG A 187 -4.22 -21.58 21.11
CA ARG A 187 -5.00 -22.44 22.02
C ARG A 187 -6.48 -22.11 21.84
N ASN A 188 -7.32 -23.12 21.64
CA ASN A 188 -8.78 -22.90 21.52
C ASN A 188 -9.48 -24.20 21.88
N PRO A 189 -9.32 -24.69 23.14
CA PRO A 189 -9.78 -26.03 23.50
C PRO A 189 -11.28 -26.29 23.29
N ASP A 190 -12.12 -25.27 23.36
CA ASP A 190 -13.61 -25.39 23.22
C ASP A 190 -14.06 -25.01 21.80
N SER A 191 -13.13 -24.88 20.85
CA SER A 191 -13.44 -24.59 19.41
C SER A 191 -14.36 -23.36 19.30
N VAL A 192 -14.02 -22.28 19.99
CA VAL A 192 -14.82 -21.03 19.95
C VAL A 192 -14.63 -20.41 18.55
N ALA A 193 -15.74 -20.11 17.88
CA ALA A 193 -15.76 -19.56 16.50
C ALA A 193 -15.51 -18.05 16.53
N THR A 194 -14.67 -17.62 15.59
CA THR A 194 -14.63 -16.25 15.05
C THR A 194 -15.84 -16.09 14.13
N THR A 195 -16.51 -14.95 14.18
CA THR A 195 -17.68 -14.66 13.32
C THR A 195 -17.25 -13.70 12.21
N VAL A 196 -17.86 -13.83 11.04
CA VAL A 196 -17.45 -13.10 9.81
C VAL A 196 -18.71 -12.79 9.00
N ALA A 197 -18.83 -11.59 8.45
CA ALA A 197 -19.87 -11.29 7.43
C ALA A 197 -19.35 -10.25 6.43
N GLY A 198 -19.67 -10.48 5.16
CA GLY A 198 -19.51 -9.48 4.09
C GLY A 198 -20.84 -8.91 3.69
N LEU A 199 -20.84 -7.89 2.81
CA LEU A 199 -22.06 -7.28 2.24
C LEU A 199 -22.21 -7.70 0.78
N ASP A 200 -23.30 -8.39 0.46
CA ASP A 200 -23.77 -8.61 -0.94
C ASP A 200 -24.60 -7.40 -1.35
N PRO A 201 -24.08 -6.49 -2.21
CA PRO A 201 -24.82 -5.28 -2.58
C PRO A 201 -26.17 -5.59 -3.25
N ASP A 202 -26.27 -6.73 -3.95
CA ASP A 202 -27.51 -7.21 -4.62
C ASP A 202 -28.61 -7.49 -3.59
N LEU A 203 -28.24 -7.99 -2.41
CA LEU A 203 -29.19 -8.53 -1.39
C LEU A 203 -29.62 -7.42 -0.42
N VAL A 204 -29.30 -6.16 -0.73
CA VAL A 204 -29.76 -4.97 0.04
C VAL A 204 -30.42 -3.96 -0.93
N GLY A 205 -30.10 -4.03 -2.23
CA GLY A 205 -30.71 -3.20 -3.29
C GLY A 205 -29.96 -1.90 -3.49
N PRO A 206 -29.95 -1.33 -4.72
CA PRO A 206 -29.15 -0.13 -5.00
C PRO A 206 -29.66 1.09 -4.22
N ALA A 207 -30.93 1.05 -3.76
CA ALA A 207 -31.55 2.08 -2.91
C ALA A 207 -30.71 2.26 -1.63
N VAL A 208 -30.59 1.19 -0.84
CA VAL A 208 -29.83 1.16 0.45
C VAL A 208 -28.36 1.44 0.16
N VAL A 209 -27.74 0.71 -0.78
CA VAL A 209 -26.31 0.88 -1.21
C VAL A 209 -26.03 2.38 -1.41
N ASP A 210 -26.88 3.08 -2.17
CA ASP A 210 -26.72 4.53 -2.45
C ASP A 210 -26.68 5.30 -1.13
N VAL A 211 -27.53 4.93 -0.16
CA VAL A 211 -27.57 5.60 1.17
C VAL A 211 -26.28 5.25 1.93
N LEU A 212 -25.86 3.97 1.93
CA LEU A 212 -24.64 3.50 2.67
C LEU A 212 -23.39 4.18 2.09
N PHE A 213 -23.42 4.58 0.80
CA PHE A 213 -22.32 5.31 0.13
C PHE A 213 -22.27 6.78 0.57
N GLY A 214 -23.37 7.29 1.10
CA GLY A 214 -23.46 8.69 1.57
C GLY A 214 -22.70 8.87 2.88
N GLU A 215 -22.09 10.05 3.06
CA GLU A 215 -21.43 10.46 4.32
C GLU A 215 -22.49 10.86 5.34
N ARG A 216 -23.25 9.89 5.84
CA ARG A 216 -24.50 10.10 6.60
C ARG A 216 -24.48 9.30 7.92
N PHE A 217 -23.29 8.88 8.38
CA PHE A 217 -23.16 8.00 9.57
C PHE A 217 -22.07 8.55 10.50
N HIS A 218 -22.18 8.20 11.77
CA HIS A 218 -21.15 8.44 12.82
C HIS A 218 -20.64 7.07 13.27
N ILE A 219 -19.32 6.89 13.25
CA ILE A 219 -18.68 5.62 13.68
C ILE A 219 -17.69 6.03 14.78
N ARG A 220 -18.00 5.65 16.02
CA ARG A 220 -17.24 6.09 17.21
C ARG A 220 -16.19 5.03 17.54
N PRO A 221 -15.05 5.40 18.15
CA PRO A 221 -14.08 4.43 18.62
C PRO A 221 -14.70 3.47 19.64
N ASP A 222 -14.28 2.21 19.61
CA ASP A 222 -14.79 1.19 20.56
C ASP A 222 -14.03 1.31 21.88
N ASN A 223 -14.42 0.51 22.87
CA ASN A 223 -13.98 0.63 24.28
C ASN A 223 -12.50 0.23 24.43
N SER A 224 -11.95 -0.59 23.53
CA SER A 224 -10.54 -1.07 23.57
C SER A 224 -9.57 0.12 23.49
N HIS A 225 -10.00 1.23 22.88
CA HIS A 225 -9.17 2.46 22.74
C HIS A 225 -9.24 3.37 23.98
N LEU A 226 -9.98 2.98 25.02
CA LEU A 226 -10.20 3.85 26.22
C LEU A 226 -9.14 3.55 27.29
N PRO A 227 -8.86 4.50 28.20
CA PRO A 227 -7.96 4.22 29.32
C PRO A 227 -8.25 2.94 30.12
N THR A 228 -9.51 2.49 30.15
CA THR A 228 -9.96 1.29 30.93
C THR A 228 -9.35 0.00 30.35
N HIS A 229 -8.77 0.03 29.14
CA HIS A 229 -8.18 -1.17 28.48
C HIS A 229 -6.71 -0.93 28.14
N ASN A 230 -6.07 -0.02 28.87
CA ASN A 230 -4.62 0.29 28.74
C ASN A 230 -4.04 0.47 30.15
N SER A 231 -2.72 0.39 30.28
CA SER A 231 -1.99 0.64 31.55
C SER A 231 -2.27 2.07 32.01
N GLY A 232 -2.51 2.27 33.31
CA GLY A 232 -2.80 3.58 33.92
C GLY A 232 -1.66 4.58 33.75
N GLY A 233 -0.44 4.09 33.54
CA GLY A 233 0.75 4.95 33.40
C GLY A 233 0.83 5.63 32.03
N ARG A 234 0.01 5.22 31.07
CA ARG A 234 0.00 5.79 29.69
C ARG A 234 -0.46 7.25 29.75
N LEU A 235 0.05 8.08 28.84
CA LEU A 235 -0.24 9.55 28.81
C LEU A 235 -1.70 9.78 28.40
N SER A 236 -2.35 10.72 29.09
CA SER A 236 -3.76 11.16 28.90
C SER A 236 -3.97 11.64 27.46
N ASP A 237 -2.90 12.17 26.85
CA ASP A 237 -2.90 12.84 25.53
C ASP A 237 -3.03 11.81 24.41
N TYR A 238 -2.57 10.57 24.64
CA TYR A 238 -2.75 9.45 23.68
C TYR A 238 -4.24 9.33 23.39
N PHE A 239 -5.06 9.59 24.41
CA PHE A 239 -6.52 9.32 24.39
C PHE A 239 -7.31 10.55 23.91
N ALA A 240 -6.70 11.74 23.79
CA ALA A 240 -7.40 12.98 23.35
C ALA A 240 -8.04 12.78 21.97
N GLY A 241 -7.29 12.21 21.02
CA GLY A 241 -7.77 11.86 19.67
C GLY A 241 -8.98 10.96 19.71
N ILE A 242 -8.93 9.90 20.52
CA ILE A 242 -10.03 8.91 20.70
C ILE A 242 -11.25 9.63 21.28
N VAL A 243 -11.06 10.40 22.35
CA VAL A 243 -12.19 11.08 23.05
C VAL A 243 -12.85 12.08 22.08
N GLU A 244 -12.07 12.85 21.33
CA GLU A 244 -12.58 13.77 20.28
C GLU A 244 -13.50 12.99 19.31
N ALA A 245 -13.08 11.80 18.88
CA ALA A 245 -13.80 10.97 17.88
C ALA A 245 -15.07 10.36 18.49
N VAL A 246 -15.13 10.20 19.82
CA VAL A 246 -16.35 9.76 20.55
C VAL A 246 -17.33 10.94 20.62
N GLU A 247 -16.84 12.09 21.07
CA GLU A 247 -17.67 13.29 21.35
C GLU A 247 -18.16 13.89 20.03
N ASN A 248 -17.30 14.03 19.03
CA ASN A 248 -17.55 14.81 17.78
C ASN A 248 -17.20 13.97 16.56
N PRO A 249 -17.91 12.84 16.33
CA PRO A 249 -17.61 11.99 15.17
C PRO A 249 -17.80 12.77 13.87
N ARG A 250 -16.91 12.57 12.89
CA ARG A 250 -17.08 13.09 11.51
C ARG A 250 -18.23 12.32 10.85
N ALA A 251 -18.98 12.99 9.98
CA ALA A 251 -19.97 12.37 9.08
C ALA A 251 -19.21 11.51 8.06
N VAL A 252 -19.47 10.21 8.01
CA VAL A 252 -18.72 9.26 7.13
C VAL A 252 -19.69 8.29 6.45
N SER A 253 -19.21 7.67 5.36
CA SER A 253 -19.93 6.59 4.65
C SER A 253 -19.65 5.25 5.34
N ILE A 254 -20.49 4.27 5.06
CA ILE A 254 -20.28 2.84 5.43
C ILE A 254 -19.71 2.09 4.22
N LEU A 255 -20.13 2.45 2.99
CA LEU A 255 -19.60 1.82 1.75
C LEU A 255 -18.78 2.85 0.98
N ARG A 256 -17.74 2.38 0.29
CA ARG A 256 -16.89 3.23 -0.57
C ARG A 256 -16.26 2.40 -1.67
N GLY A 257 -15.80 3.06 -2.73
CA GLY A 257 -15.07 2.43 -3.83
C GLY A 257 -16.02 2.08 -4.95
N HIS A 258 -15.73 1.01 -5.67
CA HIS A 258 -16.51 0.55 -6.86
C HIS A 258 -17.83 -0.07 -6.42
N ARG A 259 -18.94 0.24 -7.12
CA ARG A 259 -20.29 -0.31 -6.80
C ARG A 259 -20.26 -1.84 -6.90
N ASP A 260 -19.46 -2.41 -7.80
CA ASP A 260 -19.29 -3.87 -8.07
C ASP A 260 -18.53 -4.56 -6.93
N ALA A 261 -17.74 -3.82 -6.12
CA ALA A 261 -16.86 -4.39 -5.08
C ALA A 261 -16.64 -3.38 -3.95
N PRO A 262 -17.72 -2.86 -3.32
CA PRO A 262 -17.60 -1.78 -2.36
C PRO A 262 -16.94 -2.25 -1.06
N GLN A 263 -16.10 -1.38 -0.48
CA GLN A 263 -15.53 -1.58 0.85
C GLN A 263 -16.61 -1.31 1.88
N LEU A 264 -16.50 -1.98 3.03
CA LEU A 264 -17.48 -1.98 4.15
C LEU A 264 -16.77 -1.41 5.38
N CYS A 265 -17.39 -0.46 6.07
CA CYS A 265 -16.85 0.11 7.33
C CYS A 265 -18.01 0.41 8.27
N VAL A 266 -18.20 -0.45 9.27
CA VAL A 266 -19.35 -0.32 10.21
C VAL A 266 -19.07 -1.14 11.47
N ASP A 267 -19.62 -0.68 12.59
CA ASP A 267 -19.47 -1.34 13.91
C ASP A 267 -20.87 -1.43 14.51
N SER A 268 -21.33 -2.66 14.78
CA SER A 268 -22.70 -2.96 15.27
C SER A 268 -23.01 -2.18 16.55
N TYR A 269 -22.01 -1.89 17.39
CA TYR A 269 -22.21 -1.24 18.71
C TYR A 269 -21.87 0.26 18.69
N PHE A 270 -21.19 0.78 17.67
CA PHE A 270 -20.65 2.18 17.71
C PHE A 270 -21.00 2.98 16.47
N THR A 271 -22.00 2.55 15.69
CA THR A 271 -22.41 3.25 14.43
C THR A 271 -23.84 3.75 14.58
N THR A 272 -24.07 5.00 14.19
CA THR A 272 -25.40 5.65 14.17
C THR A 272 -25.52 6.44 12.86
N ALA A 273 -26.74 6.61 12.36
CA ALA A 273 -27.08 7.63 11.34
C ALA A 273 -26.93 9.01 11.98
N VAL A 274 -26.55 10.02 11.19
CA VAL A 274 -26.48 11.44 11.61
C VAL A 274 -27.90 11.90 12.00
N ASP A 275 -27.99 12.88 12.89
CA ASP A 275 -29.28 13.38 13.46
C ASP A 275 -30.25 13.76 12.34
N GLY A 276 -31.47 13.22 12.41
CA GLY A 276 -32.63 13.60 11.57
C GLY A 276 -32.60 12.97 10.20
N ASP A 277 -31.72 11.99 9.96
CA ASP A 277 -31.59 11.30 8.65
C ASP A 277 -32.24 9.93 8.77
N ALA A 278 -33.57 9.89 8.66
CA ALA A 278 -34.41 8.69 8.90
C ALA A 278 -34.12 7.64 7.82
N GLU A 279 -33.75 8.11 6.63
CA GLU A 279 -33.43 7.23 5.47
C GLU A 279 -32.10 6.52 5.73
N ALA A 280 -31.08 7.27 6.20
CA ALA A 280 -29.78 6.74 6.67
C ALA A 280 -30.02 5.78 7.84
N ALA A 281 -30.83 6.18 8.82
CA ALA A 281 -31.19 5.36 10.01
C ALA A 281 -31.84 4.06 9.55
N GLY A 282 -32.72 4.11 8.55
CA GLY A 282 -33.39 2.91 7.99
C GLY A 282 -32.42 1.98 7.29
N ALA A 283 -31.51 2.55 6.48
CA ALA A 283 -30.48 1.80 5.72
C ALA A 283 -29.56 1.07 6.70
N LEU A 284 -29.12 1.76 7.75
CA LEU A 284 -28.27 1.17 8.83
C LEU A 284 -28.98 -0.06 9.39
N ASP A 285 -30.28 0.06 9.67
CA ASP A 285 -31.12 -1.01 10.27
C ASP A 285 -31.14 -2.22 9.32
N THR A 286 -31.36 -2.00 8.02
CA THR A 286 -31.35 -3.06 6.99
C THR A 286 -30.00 -3.77 7.01
N LEU A 287 -28.91 -3.00 7.03
CA LEU A 287 -27.53 -3.54 6.99
C LEU A 287 -27.30 -4.45 8.20
N ILE A 288 -27.67 -3.99 9.40
CA ILE A 288 -27.46 -4.74 10.68
C ILE A 288 -28.17 -6.09 10.58
N LYS A 289 -29.43 -6.09 10.11
CA LYS A 289 -30.24 -7.33 9.97
C LYS A 289 -29.60 -8.23 8.89
N HIS A 290 -29.17 -7.65 7.77
CA HIS A 290 -28.48 -8.38 6.66
C HIS A 290 -27.20 -9.05 7.19
N LEU A 291 -26.34 -8.28 7.87
CA LEU A 291 -25.02 -8.79 8.36
C LEU A 291 -25.23 -9.75 9.53
N GLY A 292 -26.17 -9.48 10.44
CA GLY A 292 -26.47 -10.31 11.62
C GLY A 292 -26.77 -11.76 11.28
N GLY A 293 -27.60 -12.01 10.26
CA GLY A 293 -28.05 -13.36 9.86
C GLY A 293 -26.98 -14.08 9.05
N ALA A 294 -26.35 -13.34 8.13
CA ALA A 294 -25.29 -13.80 7.19
C ALA A 294 -24.02 -14.15 7.98
N LEU A 295 -23.85 -13.56 9.17
CA LEU A 295 -22.71 -13.82 10.07
C LEU A 295 -22.44 -15.33 10.15
N TYR A 296 -21.26 -15.77 9.75
CA TYR A 296 -20.90 -17.20 9.74
C TYR A 296 -19.61 -17.42 10.51
N GLU A 297 -19.35 -18.69 10.81
CA GLU A 297 -18.33 -19.08 11.80
C GLU A 297 -17.10 -19.63 11.09
N VAL A 298 -15.96 -19.21 11.60
CA VAL A 298 -14.63 -19.78 11.30
C VAL A 298 -13.97 -20.11 12.64
N VAL A 299 -13.62 -21.38 12.85
CA VAL A 299 -12.96 -21.83 14.11
C VAL A 299 -11.46 -21.91 13.87
N LEU A 300 -10.69 -21.12 14.61
CA LEU A 300 -9.22 -21.15 14.56
C LEU A 300 -8.72 -22.10 15.65
N GLY A 301 -8.23 -23.26 15.21
CA GLY A 301 -7.57 -24.26 16.06
C GLY A 301 -6.14 -23.82 16.36
N PRO A 302 -5.49 -24.45 17.35
CA PRO A 302 -4.11 -24.11 17.68
C PRO A 302 -3.23 -24.28 16.45
N GLY A 303 -2.50 -23.22 16.09
CA GLY A 303 -1.62 -23.22 14.91
C GLY A 303 -2.31 -22.63 13.69
N ASP A 304 -3.59 -22.30 13.77
CA ASP A 304 -4.34 -21.72 12.62
C ASP A 304 -4.22 -20.19 12.67
N VAL A 305 -3.92 -19.56 11.53
CA VAL A 305 -3.84 -18.08 11.50
C VAL A 305 -4.76 -17.59 10.37
N ALA A 306 -5.61 -16.63 10.70
CA ALA A 306 -6.55 -16.00 9.76
C ALA A 306 -6.11 -14.55 9.53
N PHE A 307 -6.21 -14.12 8.28
CA PHE A 307 -6.17 -12.69 7.91
C PHE A 307 -7.54 -12.34 7.34
N LEU A 308 -8.32 -11.59 8.12
CA LEU A 308 -9.61 -11.01 7.72
C LEU A 308 -9.32 -9.81 6.83
N ASP A 309 -9.99 -9.72 5.68
CA ASP A 309 -9.92 -8.53 4.81
C ASP A 309 -10.87 -7.50 5.43
N ASN A 310 -10.30 -6.57 6.18
CA ASN A 310 -11.02 -5.59 7.00
C ASN A 310 -11.75 -4.56 6.12
N ARG A 311 -11.43 -4.52 4.82
CA ARG A 311 -12.14 -3.66 3.85
C ARG A 311 -13.46 -4.32 3.44
N ASN A 312 -13.57 -5.65 3.61
CA ASN A 312 -14.69 -6.45 3.04
C ASN A 312 -15.59 -7.03 4.13
N VAL A 313 -15.05 -7.36 5.30
CA VAL A 313 -15.87 -8.09 6.32
C VAL A 313 -15.82 -7.38 7.67
N VAL A 314 -16.92 -7.54 8.39
CA VAL A 314 -17.03 -7.31 9.85
C VAL A 314 -16.72 -8.64 10.52
N HIS A 315 -16.22 -8.61 11.74
CA HIS A 315 -15.94 -9.85 12.49
C HIS A 315 -16.28 -9.67 13.97
N GLY A 316 -16.48 -10.79 14.64
CA GLY A 316 -16.75 -10.88 16.08
C GLY A 316 -16.30 -12.21 16.61
N ARG A 317 -16.88 -12.64 17.73
CA ARG A 317 -16.51 -13.94 18.35
C ARG A 317 -17.72 -14.42 19.13
N ARG A 318 -17.94 -15.73 19.07
CA ARG A 318 -19.07 -16.39 19.74
C ARG A 318 -18.85 -16.34 21.24
N PRO A 319 -19.95 -16.37 22.02
CA PRO A 319 -19.85 -16.41 23.47
C PRO A 319 -19.27 -17.76 23.90
N PHE A 320 -18.53 -17.76 25.00
CA PHE A 320 -17.92 -18.98 25.58
C PHE A 320 -17.72 -18.77 27.07
N ARG A 321 -17.64 -19.87 27.81
CA ARG A 321 -17.38 -19.88 29.26
C ARG A 321 -15.88 -20.08 29.44
N ALA A 322 -15.18 -19.07 29.95
CA ALA A 322 -13.74 -19.15 30.28
C ALA A 322 -13.59 -19.90 31.59
N ARG A 323 -12.52 -20.69 31.73
CA ARG A 323 -12.27 -21.50 32.94
C ARG A 323 -11.33 -20.73 33.90
N PHE A 324 -10.55 -19.79 33.39
CA PHE A 324 -9.62 -18.93 34.18
C PHE A 324 -8.72 -19.81 35.03
N ASP A 325 -8.16 -20.86 34.41
CA ASP A 325 -7.30 -21.87 35.10
C ASP A 325 -5.99 -22.04 34.32
N GLY A 326 -5.72 -21.20 33.30
CA GLY A 326 -4.51 -21.25 32.47
C GLY A 326 -4.65 -22.11 31.22
N THR A 327 -5.85 -22.61 30.91
CA THR A 327 -6.09 -23.49 29.73
C THR A 327 -6.92 -22.77 28.69
N ASP A 328 -7.27 -21.50 28.94
CA ASP A 328 -8.26 -20.76 28.12
C ASP A 328 -7.70 -20.46 26.73
N ARG A 329 -8.64 -20.17 25.83
CA ARG A 329 -8.38 -19.67 24.46
C ARG A 329 -7.36 -18.52 24.48
N TRP A 330 -6.42 -18.54 23.55
CA TRP A 330 -5.38 -17.50 23.42
C TRP A 330 -5.03 -17.31 21.96
N LEU A 331 -5.31 -16.11 21.43
CA LEU A 331 -4.88 -15.69 20.08
C LEU A 331 -3.84 -14.58 20.23
N LYS A 332 -2.89 -14.51 19.29
CA LYS A 332 -2.10 -13.30 18.98
C LYS A 332 -2.79 -12.56 17.84
N ARG A 333 -2.81 -11.22 17.89
CA ARG A 333 -3.52 -10.37 16.92
C ARG A 333 -2.54 -9.36 16.33
N ILE A 334 -2.78 -8.96 15.09
CA ILE A 334 -1.93 -7.94 14.43
C ILE A 334 -2.81 -7.19 13.43
N ASN A 335 -2.49 -5.91 13.23
CA ASN A 335 -3.11 -5.05 12.20
C ASN A 335 -2.11 -4.95 11.05
N VAL A 336 -2.62 -5.01 9.82
CA VAL A 336 -1.77 -4.92 8.60
C VAL A 336 -2.33 -3.82 7.71
N THR A 337 -1.45 -2.92 7.23
CA THR A 337 -1.82 -1.88 6.24
C THR A 337 -1.17 -2.20 4.89
N ALA A 338 -1.93 -2.01 3.81
CA ALA A 338 -1.42 -2.08 2.43
C ALA A 338 -0.45 -0.92 2.16
N ASP A 339 -0.56 0.18 2.94
CA ASP A 339 0.16 1.44 2.63
C ASP A 339 0.54 2.12 3.95
N LEU A 340 1.74 1.80 4.44
CA LEU A 340 2.28 2.39 5.70
C LEU A 340 2.43 3.91 5.51
N ARG A 341 2.93 4.34 4.34
CA ARG A 341 3.23 5.77 4.07
C ARG A 341 1.99 6.66 4.36
N LYS A 342 0.79 6.20 4.03
CA LYS A 342 -0.44 7.04 4.12
C LYS A 342 -0.66 7.54 5.55
N SER A 343 -0.21 6.81 6.59
CA SER A 343 -0.46 7.14 8.01
C SER A 343 0.68 7.93 8.64
N ARG A 344 1.65 8.41 7.86
CA ARG A 344 2.87 9.05 8.41
C ARG A 344 2.47 10.23 9.33
N ALA A 345 1.40 10.96 9.04
CA ALA A 345 0.94 12.10 9.91
C ALA A 345 0.63 11.57 11.32
N ALA A 346 0.28 10.29 11.45
CA ALA A 346 -0.17 9.69 12.72
C ALA A 346 0.94 8.85 13.38
N ARG A 347 2.15 8.86 12.82
CA ARG A 347 3.26 8.03 13.38
C ARG A 347 4.39 8.97 13.75
N ARG A 348 5.17 8.57 14.77
CA ARG A 348 6.23 9.38 15.42
C ARG A 348 7.34 9.68 14.42
N ASP A 349 7.66 8.72 13.56
CA ASP A 349 8.79 8.83 12.59
C ASP A 349 8.55 7.80 11.50
N ALA A 350 9.45 7.72 10.51
CA ALA A 350 9.21 6.93 9.28
C ALA A 350 8.99 5.44 9.63
N GLN A 351 9.78 4.87 10.54
CA GLN A 351 9.78 3.40 10.78
C GLN A 351 8.79 3.05 11.89
N ALA A 352 8.41 4.01 12.72
CA ALA A 352 7.48 3.79 13.87
C ALA A 352 6.16 3.24 13.33
N ARG A 353 5.60 2.22 13.99
CA ARG A 353 4.42 1.47 13.48
C ARG A 353 3.20 1.75 14.34
N VAL A 354 3.28 2.69 15.30
CA VAL A 354 2.20 2.89 16.33
C VAL A 354 1.39 4.12 15.95
N LEU A 355 0.15 3.90 15.48
CA LEU A 355 -0.77 4.97 15.03
C LEU A 355 -1.24 5.78 16.24
N GLY A 356 -1.14 7.11 16.15
CA GLY A 356 -1.55 8.03 17.23
C GLY A 356 -0.42 8.39 18.17
N GLU A 357 0.83 8.10 17.84
CA GLU A 357 2.02 8.69 18.54
C GLU A 357 2.33 10.08 17.95
N ALA A 358 1.67 10.47 16.84
CA ALA A 358 1.64 11.85 16.30
C ALA A 358 0.20 12.28 15.98
N HIS B 9 31.61 -6.61 -8.14
CA HIS B 9 31.40 -6.64 -6.64
C HIS B 9 30.14 -5.84 -6.27
N HIS B 10 29.30 -6.40 -5.40
CA HIS B 10 28.07 -5.75 -4.89
C HIS B 10 28.47 -4.56 -4.01
N SER B 11 27.80 -3.41 -4.19
CA SER B 11 27.91 -2.26 -3.26
C SER B 11 26.57 -1.52 -3.26
N SER B 12 26.32 -0.75 -2.20
CA SER B 12 25.11 0.08 -2.03
C SER B 12 25.47 1.28 -1.17
N GLY B 13 24.86 2.43 -1.43
CA GLY B 13 25.20 3.65 -0.68
C GLY B 13 24.16 4.73 -0.82
N LEU B 14 24.24 5.69 0.10
CA LEU B 14 23.34 6.86 0.20
C LEU B 14 24.08 8.02 -0.47
N VAL B 15 23.50 8.58 -1.52
CA VAL B 15 24.10 9.73 -2.26
C VAL B 15 23.26 10.96 -1.95
N PRO B 16 23.81 11.96 -1.23
CA PRO B 16 23.06 13.16 -0.89
C PRO B 16 22.85 14.11 -2.08
N ARG B 17 21.76 14.89 -2.01
CA ARG B 17 21.50 16.06 -2.87
C ARG B 17 21.02 17.19 -1.95
N GLY B 18 21.71 18.34 -1.94
CA GLY B 18 21.52 19.39 -0.92
C GLY B 18 21.57 18.82 0.49
N SER B 19 20.52 19.04 1.29
CA SER B 19 20.37 18.55 2.69
C SER B 19 19.61 17.22 2.74
N HIS B 20 19.24 16.66 1.58
CA HIS B 20 18.58 15.33 1.47
C HIS B 20 19.67 14.25 1.54
N MET B 21 19.88 13.68 2.72
CA MET B 21 21.04 12.78 3.00
C MET B 21 20.83 11.41 2.36
N THR B 22 19.57 10.96 2.22
CA THR B 22 19.20 9.68 1.57
C THR B 22 18.43 9.99 0.29
N ALA B 23 18.70 11.12 -0.39
CA ALA B 23 17.99 11.48 -1.65
C ALA B 23 18.08 10.28 -2.59
N ILE B 24 19.30 9.83 -2.88
CA ILE B 24 19.56 8.73 -3.84
C ILE B 24 20.05 7.51 -3.06
N ARG B 25 19.35 6.40 -3.23
CA ARG B 25 19.79 5.08 -2.73
C ARG B 25 20.28 4.30 -3.95
N GLU B 26 21.58 4.08 -4.01
CA GLU B 26 22.22 3.45 -5.18
C GLU B 26 22.61 2.02 -4.80
N ILE B 27 22.29 1.07 -5.66
CA ILE B 27 22.71 -0.35 -5.53
C ILE B 27 23.52 -0.68 -6.78
N ARG B 28 24.73 -1.22 -6.63
CA ARG B 28 25.53 -1.75 -7.76
C ARG B 28 25.47 -3.28 -7.70
N LEU B 29 24.89 -3.90 -8.71
CA LEU B 29 24.81 -5.37 -8.80
C LEU B 29 26.21 -5.92 -9.07
N SER B 30 26.56 -7.02 -8.39
CA SER B 30 27.69 -7.88 -8.78
C SER B 30 27.34 -8.55 -10.11
N GLU B 31 28.33 -9.07 -10.83
CA GLU B 31 28.09 -9.89 -12.03
C GLU B 31 27.14 -11.04 -11.70
N PRO B 32 27.33 -11.83 -10.61
CA PRO B 32 26.38 -12.89 -10.28
C PRO B 32 24.94 -12.43 -10.01
N GLU B 33 24.78 -11.28 -9.34
CA GLU B 33 23.44 -10.66 -9.08
C GLU B 33 22.80 -10.27 -10.41
N SER B 34 23.56 -9.63 -11.30
CA SER B 34 23.08 -9.24 -12.65
C SER B 34 22.61 -10.48 -13.41
N ALA B 35 23.41 -11.55 -13.36
CA ALA B 35 23.11 -12.83 -14.06
C ALA B 35 21.85 -13.47 -13.47
N GLN B 36 21.71 -13.49 -12.14
CA GLN B 36 20.55 -14.10 -11.44
C GLN B 36 19.27 -13.39 -11.90
N ALA B 37 19.31 -12.06 -11.92
CA ALA B 37 18.16 -11.20 -12.31
C ALA B 37 17.80 -11.47 -13.78
N ALA B 38 18.79 -11.54 -14.66
CA ALA B 38 18.58 -11.78 -16.11
C ALA B 38 17.98 -13.18 -16.29
N LEU B 39 18.48 -14.19 -15.59
CA LEU B 39 17.97 -15.58 -15.71
C LEU B 39 16.52 -15.64 -15.24
N LEU B 40 16.18 -14.97 -14.14
CA LEU B 40 14.79 -14.90 -13.63
C LEU B 40 13.89 -14.28 -14.69
N ALA B 41 14.29 -13.14 -15.26
CA ALA B 41 13.50 -12.43 -16.31
C ALA B 41 13.30 -13.36 -17.52
N LEU B 42 14.37 -14.00 -17.96
CA LEU B 42 14.32 -14.93 -19.13
C LEU B 42 13.40 -16.12 -18.84
N GLU B 43 13.43 -16.68 -17.63
CA GLU B 43 12.51 -17.76 -17.20
C GLU B 43 11.07 -17.26 -17.24
N CYS B 44 10.79 -16.05 -16.73
CA CYS B 44 9.43 -15.44 -16.77
C CYS B 44 8.98 -15.32 -18.24
N ALA B 45 9.86 -14.92 -19.14
CA ALA B 45 9.54 -14.72 -20.58
C ALA B 45 9.24 -16.07 -21.25
N GLN B 46 9.71 -17.19 -20.70
CA GLN B 46 9.42 -18.56 -21.21
C GLN B 46 8.08 -19.06 -20.68
N ARG B 47 7.61 -18.55 -19.54
CA ARG B 47 6.47 -19.14 -18.80
C ARG B 47 5.22 -18.28 -18.97
N TYR B 48 5.37 -16.98 -19.28
CA TYR B 48 4.25 -15.99 -19.27
C TYR B 48 4.23 -15.27 -20.62
N ALA B 49 3.03 -14.90 -21.06
CA ALA B 49 2.77 -14.27 -22.37
C ALA B 49 3.50 -12.92 -22.43
N GLU B 50 3.17 -12.02 -21.50
CA GLU B 50 3.65 -10.61 -21.55
C GLU B 50 4.08 -10.13 -20.17
N PRO B 51 4.96 -9.11 -20.12
CA PRO B 51 5.34 -8.48 -18.86
C PRO B 51 4.15 -7.86 -18.11
N ASP B 52 3.00 -7.65 -18.74
CA ASP B 52 1.82 -7.13 -18.02
C ASP B 52 0.59 -7.98 -18.35
N SER B 53 0.76 -9.27 -18.67
CA SER B 53 -0.38 -10.20 -18.83
C SER B 53 -0.85 -10.64 -17.44
N ALA B 54 -2.15 -10.94 -17.32
CA ALA B 54 -2.84 -11.26 -16.05
C ALA B 54 -2.12 -12.41 -15.33
N ASP B 55 -1.69 -13.44 -16.06
CA ASP B 55 -1.03 -14.65 -15.51
C ASP B 55 0.24 -14.21 -14.77
N PHE B 56 1.04 -13.37 -15.40
CA PHE B 56 2.33 -12.91 -14.82
C PHE B 56 2.08 -11.99 -13.63
N LEU B 57 1.18 -11.03 -13.77
CA LEU B 57 0.96 -10.00 -12.72
C LEU B 57 0.38 -10.63 -11.46
N ALA B 58 -0.43 -11.69 -11.58
CA ALA B 58 -0.95 -12.45 -10.41
C ALA B 58 0.21 -13.04 -9.59
N ASP B 59 1.35 -13.35 -10.22
CA ASP B 59 2.51 -14.04 -9.61
C ASP B 59 3.68 -13.05 -9.36
N ALA B 60 3.64 -11.86 -9.94
CA ALA B 60 4.83 -10.98 -10.04
C ALA B 60 5.40 -10.71 -8.63
N ALA B 61 4.54 -10.49 -7.63
CA ALA B 61 4.99 -10.09 -6.27
C ALA B 61 5.74 -11.24 -5.60
N VAL B 62 5.41 -12.49 -5.94
CA VAL B 62 6.14 -13.70 -5.41
C VAL B 62 7.41 -13.93 -6.23
N LEU B 63 7.33 -13.85 -7.55
CA LEU B 63 8.53 -14.04 -8.42
C LEU B 63 9.58 -12.99 -8.09
N ALA B 64 9.19 -11.78 -7.69
CA ALA B 64 10.15 -10.69 -7.40
C ALA B 64 11.05 -11.14 -6.24
N HIS B 65 10.56 -12.00 -5.35
CA HIS B 65 11.37 -12.42 -4.19
C HIS B 65 12.38 -13.51 -4.56
N ASP B 66 12.47 -13.89 -5.85
CA ASP B 66 13.58 -14.72 -6.38
C ASP B 66 14.73 -13.83 -6.84
N LEU B 67 14.60 -12.51 -6.79
CA LEU B 67 15.75 -11.61 -7.08
C LEU B 67 16.78 -11.77 -5.97
N PRO B 68 18.05 -11.36 -6.19
CA PRO B 68 19.10 -11.57 -5.18
C PRO B 68 18.77 -10.95 -3.82
N ARG B 69 18.97 -11.72 -2.75
CA ARG B 69 18.57 -11.34 -1.38
C ARG B 69 19.17 -9.99 -0.99
N ALA B 70 20.46 -9.73 -1.29
CA ALA B 70 21.15 -8.50 -0.83
C ALA B 70 20.47 -7.28 -1.46
N VAL B 71 20.09 -7.42 -2.73
CA VAL B 71 19.36 -6.38 -3.51
C VAL B 71 17.97 -6.16 -2.90
N ARG B 72 17.22 -7.23 -2.61
CA ARG B 72 15.88 -7.14 -1.97
C ARG B 72 15.96 -6.39 -0.64
N ARG B 73 16.99 -6.65 0.18
CA ARG B 73 17.14 -5.96 1.49
C ARG B 73 17.30 -4.46 1.24
N GLU B 74 18.07 -4.05 0.24
CA GLU B 74 18.34 -2.61 -0.02
C GLU B 74 17.10 -1.94 -0.64
N VAL B 75 16.38 -2.65 -1.50
CA VAL B 75 15.11 -2.14 -2.10
C VAL B 75 14.09 -1.94 -0.99
N GLU B 76 14.02 -2.88 -0.04
CA GLU B 76 13.07 -2.81 1.09
C GLU B 76 13.37 -1.58 1.94
N ARG B 77 14.65 -1.25 2.19
CA ARG B 77 15.02 -0.05 2.98
C ARG B 77 14.55 1.19 2.20
N ALA B 78 14.69 1.17 0.87
CA ALA B 78 14.23 2.26 0.00
C ALA B 78 12.70 2.43 0.11
N ARG B 79 11.96 1.33 0.10
CA ARG B 79 10.48 1.31 0.10
C ARG B 79 9.95 2.02 1.35
N LEU B 80 10.60 1.84 2.51
CA LEU B 80 10.10 2.43 3.77
C LEU B 80 10.81 3.75 4.08
N ASP B 81 11.66 4.25 3.19
CA ASP B 81 12.37 5.54 3.42
C ASP B 81 11.46 6.67 2.91
N ASP B 82 10.73 7.36 3.82
CA ASP B 82 9.72 8.36 3.40
C ASP B 82 10.37 9.70 3.01
N ARG B 83 11.69 9.75 2.97
CA ARG B 83 12.42 10.93 2.40
C ARG B 83 13.17 10.56 1.12
N LEU B 84 12.98 9.35 0.58
CA LEU B 84 13.66 8.90 -0.66
C LEU B 84 13.28 9.83 -1.82
N HIS B 85 14.27 10.19 -2.66
CA HIS B 85 14.02 10.76 -4.00
C HIS B 85 14.01 9.65 -5.04
N ALA B 86 15.11 8.92 -5.17
CA ALA B 86 15.32 7.91 -6.23
C ALA B 86 16.10 6.73 -5.68
N LEU B 87 15.56 5.54 -5.89
CA LEU B 87 16.28 4.25 -5.79
C LEU B 87 16.89 3.97 -7.16
N VAL B 88 18.20 3.73 -7.23
CA VAL B 88 18.87 3.42 -8.50
C VAL B 88 19.59 2.08 -8.37
N VAL B 89 19.24 1.13 -9.23
CA VAL B 89 19.89 -0.21 -9.30
C VAL B 89 20.70 -0.24 -10.58
N ARG B 90 22.03 -0.27 -10.46
CA ARG B 90 22.92 -0.19 -11.63
C ARG B 90 23.51 -1.56 -11.97
N GLY B 91 23.65 -1.84 -13.26
CA GLY B 91 24.49 -2.94 -13.78
C GLY B 91 23.70 -4.17 -14.19
N ASN B 92 22.43 -4.04 -14.55
CA ASN B 92 21.68 -5.17 -15.15
C ASN B 92 22.26 -5.48 -16.54
N ASP B 93 22.21 -6.75 -16.92
CA ASP B 93 22.63 -7.25 -18.26
C ASP B 93 21.70 -6.68 -19.33
N VAL B 94 22.24 -5.98 -20.32
CA VAL B 94 21.51 -5.68 -21.59
C VAL B 94 22.39 -6.14 -22.76
N ASP B 95 21.87 -7.05 -23.58
CA ASP B 95 22.56 -7.47 -24.82
C ASP B 95 22.17 -6.49 -25.93
N GLN B 96 23.02 -5.50 -26.19
CA GLN B 96 22.76 -4.44 -27.22
C GLN B 96 22.58 -5.05 -28.61
N ASP B 97 23.41 -6.02 -28.99
CA ASP B 97 23.34 -6.65 -30.34
C ASP B 97 21.96 -7.29 -30.52
N ALA B 98 21.52 -8.10 -29.55
CA ALA B 98 20.24 -8.83 -29.60
C ALA B 98 19.07 -7.86 -29.49
N LEU B 99 19.22 -6.74 -28.79
CA LEU B 99 18.12 -5.78 -28.56
C LEU B 99 17.68 -5.23 -29.92
N GLY B 100 18.63 -4.92 -30.80
CA GLY B 100 18.36 -4.31 -32.10
C GLY B 100 18.06 -2.82 -31.96
N PRO B 101 17.54 -2.17 -33.02
CA PRO B 101 17.41 -0.72 -33.04
C PRO B 101 16.29 -0.17 -32.13
N THR B 102 16.46 1.07 -31.69
CA THR B 102 15.42 1.82 -30.95
C THR B 102 14.25 2.06 -31.88
N PRO B 103 13.04 1.57 -31.56
CA PRO B 103 11.88 1.79 -32.43
C PRO B 103 11.58 3.26 -32.61
N PRO B 104 10.98 3.63 -33.75
CA PRO B 104 10.64 5.03 -34.04
C PRO B 104 9.38 5.57 -33.35
N HIS B 105 8.62 4.71 -32.67
CA HIS B 105 7.36 5.07 -32.00
C HIS B 105 7.06 4.02 -30.94
N TRP B 106 6.42 4.42 -29.84
CA TRP B 106 6.00 3.45 -28.79
C TRP B 106 5.07 2.39 -29.40
N ARG B 107 4.30 2.73 -30.45
CA ARG B 107 3.36 1.78 -31.09
C ARG B 107 4.11 0.59 -31.69
N GLN B 108 5.41 0.72 -31.93
CA GLN B 108 6.28 -0.33 -32.52
C GLN B 108 7.30 -0.82 -31.49
N ALA B 109 7.14 -0.47 -30.21
CA ALA B 109 8.21 -0.66 -29.21
C ALA B 109 8.00 -1.89 -28.33
N ARG B 110 6.85 -2.58 -28.39
CA ARG B 110 6.65 -3.80 -27.59
C ARG B 110 7.24 -4.97 -28.39
N THR B 111 8.57 -5.03 -28.46
CA THR B 111 9.33 -5.94 -29.35
C THR B 111 9.61 -7.24 -28.59
N ALA B 112 9.71 -8.35 -29.34
CA ALA B 112 10.09 -9.66 -28.77
C ALA B 112 11.46 -9.52 -28.09
N ALA B 113 12.43 -8.86 -28.72
CA ALA B 113 13.83 -8.74 -28.21
C ALA B 113 13.87 -7.96 -26.89
N SER B 114 12.93 -7.04 -26.66
CA SER B 114 12.97 -6.18 -25.45
C SER B 114 12.05 -6.71 -24.34
N ARG B 115 11.32 -7.82 -24.57
CA ARG B 115 10.34 -8.35 -23.59
C ARG B 115 11.05 -8.63 -22.25
N ARG B 116 12.24 -9.24 -22.30
CA ARG B 116 12.97 -9.66 -21.08
C ARG B 116 13.21 -8.46 -20.15
N TYR B 117 13.36 -7.25 -20.71
CA TYR B 117 13.62 -6.02 -19.94
C TYR B 117 12.31 -5.49 -19.35
N GLY B 118 11.19 -5.65 -20.06
CA GLY B 118 9.86 -5.42 -19.50
C GLY B 118 9.62 -6.33 -18.30
N PHE B 119 9.90 -7.63 -18.44
CA PHE B 119 9.71 -8.60 -17.34
C PHE B 119 10.55 -8.15 -16.14
N LEU B 120 11.83 -7.82 -16.36
CA LEU B 120 12.74 -7.49 -15.24
C LEU B 120 12.27 -6.21 -14.55
N LEU B 121 11.81 -5.21 -15.32
CA LEU B 121 11.33 -3.93 -14.72
C LEU B 121 10.14 -4.24 -13.78
N VAL B 122 9.21 -5.08 -14.22
CA VAL B 122 8.02 -5.46 -13.39
C VAL B 122 8.49 -6.23 -12.16
N LEU B 123 9.48 -7.10 -12.28
CA LEU B 123 10.00 -7.87 -11.12
C LEU B 123 10.58 -6.90 -10.08
N TYR B 124 11.46 -5.98 -10.47
CA TYR B 124 12.03 -4.97 -9.53
C TYR B 124 10.86 -4.15 -8.95
N ALA B 125 9.96 -3.69 -9.82
CA ALA B 125 8.85 -2.79 -9.40
C ALA B 125 7.97 -3.49 -8.36
N SER B 126 7.79 -4.82 -8.48
CA SER B 126 6.83 -5.57 -7.63
C SER B 126 7.42 -5.80 -6.24
N LEU B 127 8.69 -5.47 -6.02
CA LEU B 127 9.25 -5.37 -4.65
C LEU B 127 8.71 -4.13 -3.93
N LEU B 128 8.26 -3.11 -4.66
CA LEU B 128 7.87 -1.80 -4.07
C LEU B 128 6.36 -1.69 -3.94
N GLY B 129 5.62 -2.46 -4.73
CA GLY B 129 4.17 -2.33 -4.78
C GLY B 129 3.63 -3.04 -6.00
N ASP B 130 2.45 -2.62 -6.44
CA ASP B 130 1.73 -3.26 -7.57
C ASP B 130 1.78 -2.33 -8.77
N VAL B 131 2.07 -2.89 -9.95
CA VAL B 131 2.24 -2.09 -11.19
C VAL B 131 0.86 -1.69 -11.74
N VAL B 132 0.75 -0.47 -12.26
CA VAL B 132 -0.49 0.08 -12.87
C VAL B 132 -0.13 0.84 -14.13
N GLY B 133 -1.11 1.00 -15.01
CA GLY B 133 -1.03 1.92 -16.14
C GLY B 133 -2.22 2.85 -16.18
N TRP B 134 -2.34 3.58 -17.29
CA TRP B 134 -3.31 4.69 -17.46
C TRP B 134 -3.97 4.52 -18.82
N ALA B 135 -5.31 4.51 -18.85
CA ALA B 135 -6.12 4.28 -20.06
C ALA B 135 -5.67 5.17 -21.23
N THR B 136 -5.32 6.43 -20.95
CA THR B 136 -5.06 7.46 -21.98
C THR B 136 -3.58 7.49 -22.35
N GLN B 137 -2.73 6.66 -21.75
CA GLN B 137 -1.25 6.68 -22.00
C GLN B 137 -0.81 5.37 -22.67
N GLN B 138 -0.30 5.45 -23.90
CA GLN B 138 0.25 4.32 -24.69
C GLN B 138 -0.74 3.15 -24.61
N ASP B 139 -2.01 3.45 -24.87
CA ASP B 139 -3.12 2.47 -25.01
C ASP B 139 -3.28 1.64 -23.71
N GLY B 140 -2.96 2.22 -22.55
CA GLY B 140 -3.14 1.55 -21.26
C GLY B 140 -2.12 0.46 -20.99
N ARG B 141 -1.00 0.44 -21.72
CA ARG B 141 0.11 -0.51 -21.45
C ARG B 141 0.64 -0.23 -20.04
N VAL B 142 0.96 -1.27 -19.30
CA VAL B 142 1.58 -1.10 -17.96
C VAL B 142 3.07 -0.84 -18.16
N VAL B 143 3.74 -1.68 -18.94
CA VAL B 143 5.14 -1.43 -19.37
C VAL B 143 5.10 -0.51 -20.60
N THR B 144 5.50 0.75 -20.43
CA THR B 144 5.48 1.77 -21.51
C THR B 144 6.91 1.97 -22.03
N ASP B 145 7.04 2.72 -23.11
CA ASP B 145 8.33 2.97 -23.78
C ASP B 145 8.59 4.47 -23.85
N VAL B 146 9.79 4.87 -23.45
CA VAL B 146 10.28 6.27 -23.50
C VAL B 146 11.35 6.31 -24.58
N LEU B 147 11.03 6.93 -25.72
CA LEU B 147 11.99 7.10 -26.82
C LEU B 147 11.57 8.32 -27.63
N PRO B 148 12.53 8.97 -28.32
CA PRO B 148 12.21 10.19 -29.04
C PRO B 148 11.43 9.84 -30.32
N ILE B 149 10.33 10.56 -30.56
CA ILE B 149 9.48 10.37 -31.76
C ILE B 149 9.59 11.61 -32.66
N GLU B 150 9.82 11.40 -33.96
CA GLU B 150 9.94 12.49 -34.96
C GLU B 150 8.60 13.22 -35.00
N GLY B 151 8.62 14.55 -34.81
CA GLY B 151 7.41 15.40 -34.79
C GLY B 151 6.96 15.79 -33.40
N GLN B 152 7.53 15.15 -32.35
CA GLN B 152 7.18 15.38 -30.92
C GLN B 152 8.33 16.10 -30.20
N GLU B 153 9.35 16.54 -30.93
CA GLU B 153 10.62 17.08 -30.37
C GLU B 153 10.32 18.17 -29.34
N ASP B 154 9.32 19.02 -29.64
CA ASP B 154 9.05 20.31 -28.95
C ASP B 154 7.83 20.19 -28.04
N SER B 155 7.24 18.99 -27.88
CA SER B 155 6.03 18.75 -27.06
C SER B 155 6.41 18.40 -25.61
N GLN B 156 5.45 18.49 -24.70
CA GLN B 156 5.61 18.15 -23.24
C GLN B 156 5.13 16.71 -23.02
N VAL B 157 5.84 15.76 -23.63
CA VAL B 157 5.53 14.30 -23.60
C VAL B 157 6.85 13.54 -23.44
N GLY B 158 6.80 12.31 -22.95
CA GLY B 158 7.97 11.40 -22.79
C GLY B 158 8.79 11.24 -24.07
N SER B 159 8.16 11.36 -25.24
CA SER B 159 8.80 11.12 -26.56
C SER B 159 9.42 12.40 -27.15
N SER B 160 9.44 13.49 -26.37
CA SER B 160 10.08 14.79 -26.74
C SER B 160 11.60 14.62 -26.74
N SER B 161 12.33 15.67 -27.14
CA SER B 161 13.82 15.66 -27.23
C SER B 161 14.37 17.09 -27.10
N SER B 162 14.19 17.92 -28.13
CA SER B 162 14.84 19.26 -28.29
C SER B 162 14.42 20.22 -27.18
N VAL B 163 13.21 20.07 -26.64
CA VAL B 163 12.67 20.97 -25.58
C VAL B 163 12.65 20.20 -24.25
N GLU B 164 13.12 20.84 -23.17
CA GLU B 164 13.11 20.28 -21.80
C GLU B 164 11.70 19.77 -21.48
N LEU B 165 11.57 18.53 -21.01
CA LEU B 165 10.31 18.05 -20.39
C LEU B 165 10.20 18.72 -19.01
N GLY B 166 9.30 19.69 -18.90
CA GLY B 166 9.11 20.50 -17.68
C GLY B 166 8.62 19.63 -16.55
N TRP B 167 9.08 19.92 -15.34
CA TRP B 167 8.99 18.96 -14.20
C TRP B 167 7.59 18.96 -13.61
N HIS B 168 7.20 17.80 -13.08
CA HIS B 168 5.87 17.60 -12.46
C HIS B 168 5.86 16.32 -11.64
N THR B 169 5.02 16.29 -10.61
CA THR B 169 4.52 15.03 -10.04
C THR B 169 3.81 14.27 -11.15
N GLU B 170 4.08 12.96 -11.30
CA GLU B 170 3.39 12.12 -12.31
C GLU B 170 1.89 12.06 -11.99
N ASP B 171 1.05 12.44 -12.98
CA ASP B 171 -0.42 12.41 -12.90
C ASP B 171 -0.90 13.21 -11.69
N ALA B 172 -0.37 14.43 -11.52
CA ALA B 172 -0.51 15.28 -10.32
C ALA B 172 -1.99 15.49 -9.97
N PHE B 173 -2.85 15.66 -10.95
CA PHE B 173 -4.29 16.00 -10.73
C PHE B 173 -5.02 14.85 -10.03
N SER B 174 -4.51 13.61 -10.14
CA SER B 174 -5.27 12.36 -9.87
C SER B 174 -5.04 11.89 -8.44
N PRO B 175 -6.13 11.52 -7.71
CA PRO B 175 -6.00 10.84 -6.43
C PRO B 175 -5.38 9.45 -6.59
N TYR B 176 -5.34 8.91 -7.81
CA TYR B 176 -4.77 7.56 -8.09
C TYR B 176 -3.33 7.64 -8.63
N ARG B 177 -2.69 8.81 -8.57
CA ARG B 177 -1.31 8.97 -9.04
C ARG B 177 -0.41 7.94 -8.35
N ALA B 178 0.58 7.46 -9.10
CA ALA B 178 1.51 6.39 -8.68
C ALA B 178 2.30 6.84 -7.45
N ASP B 179 2.73 5.87 -6.66
CA ASP B 179 3.72 6.08 -5.58
C ASP B 179 5.14 6.08 -6.14
N TYR B 180 5.43 5.26 -7.15
CA TYR B 180 6.75 5.24 -7.81
C TYR B 180 6.59 5.29 -9.33
N VAL B 181 7.52 5.98 -9.96
CA VAL B 181 7.73 5.88 -11.43
C VAL B 181 9.04 5.13 -11.63
N GLY B 182 8.97 4.01 -12.34
CA GLY B 182 10.16 3.18 -12.65
C GLY B 182 10.62 3.38 -14.09
N LEU B 183 11.94 3.39 -14.26
CA LEU B 183 12.60 3.56 -15.58
C LEU B 183 13.72 2.54 -15.68
N PHE B 184 13.72 1.74 -16.73
CA PHE B 184 14.77 0.74 -17.04
C PHE B 184 15.44 1.17 -18.34
N SER B 185 16.69 1.61 -18.26
CA SER B 185 17.43 2.12 -19.43
C SER B 185 17.94 0.94 -20.25
N LEU B 186 17.59 0.91 -21.54
CA LEU B 186 18.06 -0.09 -22.53
C LEU B 186 19.27 0.44 -23.27
N ARG B 187 19.27 1.74 -23.57
CA ARG B 187 20.40 2.41 -24.25
C ARG B 187 20.25 3.91 -24.00
N ASN B 188 21.39 4.56 -23.85
CA ASN B 188 21.45 6.00 -23.53
C ASN B 188 22.84 6.46 -23.91
N PRO B 189 23.20 6.40 -25.22
CA PRO B 189 24.57 6.67 -25.67
C PRO B 189 25.07 8.06 -25.28
N ASP B 190 24.17 9.04 -25.21
CA ASP B 190 24.54 10.45 -24.94
C ASP B 190 24.24 10.83 -23.47
N SER B 191 24.02 9.86 -22.60
CA SER B 191 23.93 10.08 -21.14
C SER B 191 22.90 11.17 -20.84
N VAL B 192 21.71 11.03 -21.41
CA VAL B 192 20.59 11.98 -21.23
C VAL B 192 19.94 11.73 -19.86
N ALA B 193 19.63 12.78 -19.13
CA ALA B 193 19.22 12.71 -17.71
C ALA B 193 17.73 12.86 -17.55
N THR B 194 17.19 12.22 -16.51
CA THR B 194 15.89 12.57 -15.90
C THR B 194 16.18 13.67 -14.89
N THR B 195 15.40 14.74 -14.86
CA THR B 195 15.54 15.81 -13.83
C THR B 195 14.67 15.44 -12.62
N VAL B 196 15.12 15.79 -11.44
CA VAL B 196 14.48 15.39 -10.15
C VAL B 196 14.59 16.58 -9.20
N ALA B 197 13.52 16.87 -8.44
CA ALA B 197 13.58 17.84 -7.31
C ALA B 197 12.57 17.45 -6.24
N GLY B 198 12.99 17.58 -4.99
CA GLY B 198 12.12 17.54 -3.81
C GLY B 198 12.15 18.86 -3.08
N LEU B 199 11.22 19.04 -2.17
CA LEU B 199 11.13 20.25 -1.32
C LEU B 199 12.06 20.06 -0.13
N ASP B 200 12.97 21.01 0.08
CA ASP B 200 13.70 21.14 1.37
C ASP B 200 12.98 22.20 2.20
N PRO B 201 12.16 21.80 3.21
CA PRO B 201 11.35 22.73 3.99
C PRO B 201 12.19 23.77 4.76
N ASP B 202 13.44 23.42 5.07
CA ASP B 202 14.39 24.29 5.81
C ASP B 202 14.91 25.41 4.90
N LEU B 203 14.63 25.39 3.59
CA LEU B 203 15.06 26.47 2.66
C LEU B 203 13.88 27.36 2.28
N VAL B 204 12.68 27.12 2.81
CA VAL B 204 11.45 27.85 2.43
C VAL B 204 10.81 28.44 3.70
N GLY B 205 10.27 29.65 3.62
CA GLY B 205 9.58 30.28 4.77
C GLY B 205 8.49 29.38 5.30
N PRO B 206 8.49 29.06 6.61
CA PRO B 206 7.41 28.30 7.25
C PRO B 206 6.00 28.74 6.87
N ALA B 207 5.77 30.05 6.70
CA ALA B 207 4.47 30.62 6.26
C ALA B 207 4.13 30.13 4.85
N VAL B 208 5.12 30.09 3.95
CA VAL B 208 4.93 29.55 2.57
C VAL B 208 4.54 28.07 2.71
N VAL B 209 5.27 27.32 3.54
CA VAL B 209 4.98 25.88 3.79
C VAL B 209 3.54 25.74 4.32
N ASP B 210 3.14 26.53 5.32
CA ASP B 210 1.75 26.49 5.87
C ASP B 210 0.74 26.68 4.74
N VAL B 211 0.97 27.62 3.84
CA VAL B 211 0.02 27.93 2.75
C VAL B 211 -0.11 26.72 1.82
N LEU B 212 1.02 26.09 1.48
CA LEU B 212 1.07 24.93 0.54
C LEU B 212 0.32 23.73 1.13
N PHE B 213 0.19 23.64 2.45
CA PHE B 213 -0.60 22.58 3.15
C PHE B 213 -2.10 22.84 3.03
N GLY B 214 -2.51 24.06 2.69
CA GLY B 214 -3.93 24.41 2.58
C GLY B 214 -4.53 23.94 1.27
N GLU B 215 -5.84 23.64 1.26
CA GLU B 215 -6.56 23.23 0.03
C GLU B 215 -6.90 24.50 -0.76
N ARG B 216 -5.89 25.09 -1.40
CA ARG B 216 -5.97 26.47 -1.94
C ARG B 216 -5.47 26.48 -3.39
N PHE B 217 -5.34 25.31 -4.00
CA PHE B 217 -4.74 25.16 -5.35
C PHE B 217 -5.64 24.31 -6.24
N HIS B 218 -5.49 24.51 -7.55
CA HIS B 218 -6.08 23.67 -8.62
C HIS B 218 -4.94 22.99 -9.36
N ILE B 219 -4.98 21.66 -9.44
CA ILE B 219 -4.04 20.88 -10.28
C ILE B 219 -4.87 20.23 -11.38
N ARG B 220 -4.73 20.72 -12.60
CA ARG B 220 -5.55 20.27 -13.73
C ARG B 220 -4.84 19.11 -14.43
N PRO B 221 -5.61 18.22 -15.06
CA PRO B 221 -5.06 17.15 -15.89
C PRO B 221 -4.11 17.69 -16.95
N ASP B 222 -2.94 17.06 -17.12
CA ASP B 222 -1.92 17.46 -18.12
C ASP B 222 -2.39 16.96 -19.49
N ASN B 223 -1.55 17.13 -20.52
CA ASN B 223 -1.94 16.87 -21.93
C ASN B 223 -2.13 15.37 -22.15
N SER B 224 -1.44 14.52 -21.40
CA SER B 224 -1.49 13.04 -21.55
C SER B 224 -2.89 12.51 -21.16
N HIS B 225 -3.78 13.37 -20.63
CA HIS B 225 -5.15 13.01 -20.19
C HIS B 225 -6.25 13.71 -21.00
N LEU B 226 -5.94 14.80 -21.73
CA LEU B 226 -6.95 15.69 -22.36
C LEU B 226 -7.47 15.06 -23.66
N PRO B 227 -8.77 15.19 -23.99
CA PRO B 227 -9.30 14.64 -25.24
C PRO B 227 -8.74 15.39 -26.46
N THR B 228 -8.46 14.68 -27.54
CA THR B 228 -8.03 15.21 -28.87
C THR B 228 -8.97 14.67 -29.95
N HIS B 229 -8.76 15.08 -31.21
CA HIS B 229 -9.44 14.53 -32.42
C HIS B 229 -9.34 13.01 -32.45
N ASN B 230 -8.31 12.42 -31.82
CA ASN B 230 -7.95 10.99 -31.96
C ASN B 230 -7.91 10.23 -30.63
N SER B 231 -8.57 10.73 -29.56
CA SER B 231 -8.51 10.12 -28.20
C SER B 231 -9.54 8.99 -28.03
N GLY B 232 -10.58 8.95 -28.87
CA GLY B 232 -11.54 7.82 -28.95
C GLY B 232 -12.76 8.01 -28.06
N GLY B 233 -13.91 7.48 -28.48
CA GLY B 233 -15.18 7.51 -27.74
C GLY B 233 -15.25 6.45 -26.65
N ARG B 234 -14.45 5.38 -26.77
CA ARG B 234 -14.37 4.26 -25.80
C ARG B 234 -14.16 4.83 -24.39
N LEU B 235 -13.34 5.87 -24.24
CA LEU B 235 -13.02 6.48 -22.92
C LEU B 235 -13.89 7.72 -22.67
N SER B 236 -15.12 7.73 -23.20
CA SER B 236 -16.13 8.82 -23.03
C SER B 236 -16.27 9.24 -21.56
N ASP B 237 -16.41 8.28 -20.64
CA ASP B 237 -16.67 8.56 -19.21
C ASP B 237 -15.41 9.14 -18.55
N TYR B 238 -14.23 8.64 -18.91
CA TYR B 238 -12.95 9.17 -18.40
C TYR B 238 -12.82 10.64 -18.79
N PHE B 239 -13.03 10.97 -20.07
CA PHE B 239 -12.82 12.33 -20.65
C PHE B 239 -13.84 13.30 -20.06
N ALA B 240 -15.03 12.83 -19.69
CA ALA B 240 -16.07 13.62 -18.97
C ALA B 240 -15.54 14.01 -17.58
N GLY B 241 -14.98 13.04 -16.85
CA GLY B 241 -14.28 13.25 -15.56
C GLY B 241 -13.12 14.24 -15.71
N ILE B 242 -12.36 14.14 -16.80
CA ILE B 242 -11.20 15.04 -17.12
C ILE B 242 -11.71 16.45 -17.43
N VAL B 243 -12.76 16.57 -18.24
CA VAL B 243 -13.39 17.89 -18.55
C VAL B 243 -13.80 18.55 -17.21
N GLU B 244 -14.41 17.78 -16.30
CA GLU B 244 -14.83 18.26 -14.95
C GLU B 244 -13.62 18.78 -14.18
N ALA B 245 -12.50 18.06 -14.25
CA ALA B 245 -11.24 18.37 -13.52
C ALA B 245 -10.53 19.59 -14.14
N VAL B 246 -10.83 19.90 -15.41
CA VAL B 246 -10.30 21.11 -16.12
C VAL B 246 -11.21 22.32 -15.83
N GLU B 247 -12.53 22.14 -15.93
CA GLU B 247 -13.53 23.24 -15.87
C GLU B 247 -13.88 23.55 -14.41
N ASN B 248 -14.04 22.52 -13.57
CA ASN B 248 -14.46 22.65 -12.14
C ASN B 248 -13.45 21.94 -11.23
N PRO B 249 -12.16 22.32 -11.25
CA PRO B 249 -11.14 21.60 -10.47
C PRO B 249 -11.45 21.67 -8.97
N ARG B 250 -11.26 20.56 -8.26
CA ARG B 250 -11.36 20.54 -6.79
C ARG B 250 -10.25 21.45 -6.23
N ALA B 251 -10.51 22.12 -5.11
CA ALA B 251 -9.48 22.79 -4.29
C ALA B 251 -8.64 21.68 -3.64
N VAL B 252 -7.33 21.67 -3.87
CA VAL B 252 -6.43 20.63 -3.29
C VAL B 252 -5.22 21.32 -2.66
N SER B 253 -4.52 20.59 -1.80
CA SER B 253 -3.23 21.04 -1.24
C SER B 253 -2.10 20.62 -2.18
N ILE B 254 -0.94 21.24 -2.01
CA ILE B 254 0.32 20.83 -2.67
C ILE B 254 1.11 19.95 -1.71
N LEU B 255 1.10 20.26 -0.41
CA LEU B 255 1.79 19.46 0.63
C LEU B 255 0.74 18.74 1.48
N ARG B 256 1.03 17.52 1.90
CA ARG B 256 0.10 16.76 2.79
C ARG B 256 0.92 15.80 3.67
N GLY B 257 0.35 15.41 4.80
CA GLY B 257 0.94 14.43 5.71
C GLY B 257 1.67 15.11 6.86
N HIS B 258 2.65 14.41 7.41
CA HIS B 258 3.42 14.88 8.60
C HIS B 258 4.30 16.05 8.17
N ARG B 259 4.36 17.11 9.00
CA ARG B 259 5.27 18.26 8.82
C ARG B 259 6.74 17.83 8.63
N ASP B 260 7.19 16.79 9.33
CA ASP B 260 8.59 16.27 9.26
C ASP B 260 8.85 15.53 7.95
N ALA B 261 7.81 15.13 7.21
CA ALA B 261 7.99 14.32 5.98
C ALA B 261 6.80 14.53 5.05
N PRO B 262 6.54 15.77 4.61
CA PRO B 262 5.39 16.02 3.76
C PRO B 262 5.52 15.41 2.35
N GLN B 263 4.39 14.95 1.83
CA GLN B 263 4.29 14.55 0.41
C GLN B 263 4.10 15.81 -0.42
N LEU B 264 4.62 15.76 -1.65
CA LEU B 264 4.60 16.85 -2.63
C LEU B 264 3.74 16.44 -3.82
N CYS B 265 2.87 17.32 -4.27
CA CYS B 265 2.03 17.12 -5.48
C CYS B 265 1.87 18.45 -6.20
N VAL B 266 2.60 18.62 -7.31
CA VAL B 266 2.62 19.91 -8.05
C VAL B 266 3.02 19.64 -9.50
N ASP B 267 2.52 20.47 -10.40
CA ASP B 267 2.83 20.37 -11.85
C ASP B 267 3.16 21.78 -12.35
N SER B 268 4.40 22.00 -12.78
CA SER B 268 4.95 23.33 -13.14
C SER B 268 4.12 24.00 -14.25
N TYR B 269 3.30 23.25 -15.01
CA TYR B 269 2.51 23.78 -16.15
C TYR B 269 1.00 23.71 -15.92
N PHE B 270 0.51 23.03 -14.87
CA PHE B 270 -0.95 22.73 -14.71
C PHE B 270 -1.45 23.05 -13.30
N THR B 271 -0.70 23.82 -12.52
CA THR B 271 -1.05 24.18 -11.14
C THR B 271 -1.30 25.68 -11.04
N THR B 272 -2.43 26.06 -10.44
CA THR B 272 -2.78 27.47 -10.12
C THR B 272 -3.30 27.55 -8.70
N ALA B 273 -3.33 28.75 -8.12
CA ALA B 273 -4.07 29.02 -6.87
C ALA B 273 -5.56 29.14 -7.19
N VAL B 274 -6.39 28.85 -6.21
CA VAL B 274 -7.86 29.12 -6.23
C VAL B 274 -8.07 30.59 -6.63
N ASP B 275 -9.12 30.86 -7.42
CA ASP B 275 -9.52 32.22 -7.87
C ASP B 275 -9.42 33.17 -6.67
N GLY B 276 -8.66 34.25 -6.80
CA GLY B 276 -8.63 35.36 -5.83
C GLY B 276 -7.70 35.11 -4.65
N ASP B 277 -7.13 33.91 -4.52
CA ASP B 277 -6.22 33.59 -3.39
C ASP B 277 -4.80 34.02 -3.78
N ALA B 278 -4.51 35.31 -3.64
CA ALA B 278 -3.20 35.91 -4.02
C ALA B 278 -2.08 35.33 -3.14
N GLU B 279 -2.34 35.10 -1.85
CA GLU B 279 -1.33 34.52 -0.94
C GLU B 279 -0.92 33.13 -1.46
N ALA B 280 -1.89 32.31 -1.87
CA ALA B 280 -1.66 30.96 -2.42
C ALA B 280 -0.86 31.06 -3.72
N ALA B 281 -1.19 32.02 -4.60
CA ALA B 281 -0.50 32.23 -5.89
C ALA B 281 0.97 32.55 -5.60
N GLY B 282 1.23 33.38 -4.58
CA GLY B 282 2.60 33.73 -4.11
C GLY B 282 3.34 32.50 -3.60
N ALA B 283 2.70 31.69 -2.75
CA ALA B 283 3.31 30.48 -2.15
C ALA B 283 3.65 29.50 -3.29
N LEU B 284 2.73 29.31 -4.23
CA LEU B 284 2.92 28.42 -5.40
C LEU B 284 4.15 28.91 -6.20
N ASP B 285 4.25 30.20 -6.51
CA ASP B 285 5.35 30.63 -7.40
C ASP B 285 6.67 30.56 -6.62
N THR B 286 6.66 30.76 -5.30
CA THR B 286 7.86 30.55 -4.43
C THR B 286 8.31 29.09 -4.53
N LEU B 287 7.37 28.14 -4.44
CA LEU B 287 7.68 26.70 -4.57
C LEU B 287 8.25 26.41 -5.97
N ILE B 288 7.64 26.96 -7.01
CA ILE B 288 8.08 26.66 -8.41
C ILE B 288 9.52 27.14 -8.59
N LYS B 289 9.85 28.33 -8.07
CA LYS B 289 11.25 28.85 -8.13
C LYS B 289 12.17 27.96 -7.28
N HIS B 290 11.73 27.49 -6.12
CA HIS B 290 12.55 26.62 -5.24
C HIS B 290 12.89 25.28 -5.94
N LEU B 291 11.88 24.61 -6.49
CA LEU B 291 12.05 23.29 -7.14
C LEU B 291 12.89 23.47 -8.41
N GLY B 292 12.57 24.49 -9.22
CA GLY B 292 13.35 24.86 -10.42
C GLY B 292 14.82 25.02 -10.10
N GLY B 293 15.14 25.62 -8.95
CA GLY B 293 16.53 25.88 -8.49
C GLY B 293 17.20 24.67 -7.86
N ALA B 294 16.43 23.69 -7.38
CA ALA B 294 16.95 22.49 -6.67
C ALA B 294 17.01 21.28 -7.61
N LEU B 295 16.59 21.44 -8.88
CA LEU B 295 16.57 20.31 -9.86
C LEU B 295 17.97 19.73 -9.95
N TYR B 296 18.08 18.42 -9.90
CA TYR B 296 19.35 17.68 -10.21
C TYR B 296 18.99 16.58 -11.20
N GLU B 297 19.96 15.76 -11.57
CA GLU B 297 19.80 14.81 -12.69
C GLU B 297 20.12 13.39 -12.23
N VAL B 298 19.38 12.44 -12.78
CA VAL B 298 19.73 10.99 -12.71
C VAL B 298 19.90 10.51 -14.14
N VAL B 299 21.10 10.05 -14.46
CA VAL B 299 21.43 9.44 -15.78
C VAL B 299 21.48 7.93 -15.60
N LEU B 300 20.66 7.21 -16.35
CA LEU B 300 20.64 5.73 -16.36
C LEU B 300 21.35 5.24 -17.62
N GLY B 301 22.51 4.60 -17.44
CA GLY B 301 23.16 3.84 -18.51
C GLY B 301 22.40 2.56 -18.81
N PRO B 302 22.76 1.83 -19.89
CA PRO B 302 22.09 0.58 -20.24
C PRO B 302 22.14 -0.39 -19.05
N GLY B 303 20.97 -0.87 -18.62
CA GLY B 303 20.84 -1.82 -17.50
C GLY B 303 20.68 -1.13 -16.16
N ASP B 304 20.65 0.19 -16.13
CA ASP B 304 20.38 0.96 -14.88
C ASP B 304 18.87 1.17 -14.76
N VAL B 305 18.32 0.94 -13.58
CA VAL B 305 16.86 1.10 -13.33
C VAL B 305 16.70 2.07 -12.16
N ALA B 306 15.79 3.02 -12.28
CA ALA B 306 15.48 3.98 -11.21
C ALA B 306 14.01 3.85 -10.85
N PHE B 307 13.71 4.01 -9.56
CA PHE B 307 12.34 4.24 -9.05
C PHE B 307 12.35 5.58 -8.34
N LEU B 308 11.62 6.54 -8.91
CA LEU B 308 11.39 7.88 -8.34
C LEU B 308 10.22 7.76 -7.36
N ASP B 309 10.40 8.25 -6.14
CA ASP B 309 9.29 8.29 -5.17
C ASP B 309 8.42 9.50 -5.53
N ASN B 310 7.31 9.24 -6.21
CA ASN B 310 6.41 10.27 -6.80
C ASN B 310 5.69 11.04 -5.68
N ARG B 311 5.70 10.53 -4.44
CA ARG B 311 5.14 11.25 -3.27
C ARG B 311 6.08 12.37 -2.84
N ASN B 312 7.36 12.29 -3.22
CA ASN B 312 8.41 13.19 -2.69
C ASN B 312 8.98 14.10 -3.78
N VAL B 313 9.03 13.65 -5.04
CA VAL B 313 9.79 14.38 -6.07
C VAL B 313 8.94 14.65 -7.29
N VAL B 314 9.17 15.81 -7.87
CA VAL B 314 8.82 16.10 -9.28
C VAL B 314 9.92 15.55 -10.19
N HIS B 315 9.58 15.32 -11.45
CA HIS B 315 10.61 14.89 -12.42
C HIS B 315 10.31 15.46 -13.80
N GLY B 316 11.36 15.59 -14.60
CA GLY B 316 11.29 16.01 -16.00
C GLY B 316 12.44 15.41 -16.78
N ARG B 317 12.86 16.06 -17.86
CA ARG B 317 13.95 15.51 -18.70
C ARG B 317 14.61 16.67 -19.44
N ARG B 318 15.94 16.63 -19.52
CA ARG B 318 16.76 17.68 -20.15
C ARG B 318 16.51 17.67 -21.66
N PRO B 319 16.69 18.82 -22.35
CA PRO B 319 16.75 18.84 -23.81
C PRO B 319 17.88 17.90 -24.29
N PHE B 320 17.67 17.21 -25.40
CA PHE B 320 18.70 16.35 -26.05
C PHE B 320 18.45 16.30 -27.55
N ARG B 321 19.45 15.87 -28.30
CA ARG B 321 19.44 15.84 -29.78
C ARG B 321 19.23 14.38 -30.19
N ALA B 322 18.02 14.03 -30.64
CA ALA B 322 17.68 12.69 -31.16
C ALA B 322 18.19 12.56 -32.60
N ARG B 323 18.74 11.40 -32.98
CA ARG B 323 19.21 11.12 -34.37
C ARG B 323 18.09 10.48 -35.21
N PHE B 324 17.16 9.77 -34.57
CA PHE B 324 16.04 9.03 -35.23
C PHE B 324 16.62 8.05 -36.24
N ASP B 325 17.74 7.40 -35.89
CA ASP B 325 18.48 6.44 -36.76
C ASP B 325 18.52 5.05 -36.12
N GLY B 326 17.74 4.82 -35.05
CA GLY B 326 17.70 3.52 -34.34
C GLY B 326 18.73 3.39 -33.22
N THR B 327 19.52 4.43 -32.93
CA THR B 327 20.57 4.42 -31.88
C THR B 327 20.14 5.26 -30.67
N ASP B 328 18.94 5.84 -30.70
CA ASP B 328 18.49 6.83 -29.69
C ASP B 328 18.25 6.16 -28.33
N ARG B 329 18.24 6.99 -27.31
CA ARG B 329 17.89 6.62 -25.93
C ARG B 329 16.57 5.84 -25.90
N TRP B 330 16.49 4.78 -25.11
CA TRP B 330 15.28 3.95 -25.01
C TRP B 330 15.16 3.47 -23.57
N LEU B 331 14.06 3.80 -22.91
CA LEU B 331 13.76 3.26 -21.57
C LEU B 331 12.43 2.54 -21.61
N LYS B 332 12.33 1.49 -20.80
CA LYS B 332 11.03 0.93 -20.37
C LYS B 332 10.59 1.72 -19.12
N ARG B 333 9.30 1.98 -19.00
CA ARG B 333 8.75 2.81 -17.90
C ARG B 333 7.57 2.10 -17.27
N ILE B 334 7.38 2.31 -15.97
CA ILE B 334 6.25 1.68 -15.25
C ILE B 334 5.80 2.60 -14.12
N ASN B 335 4.55 2.45 -13.69
CA ASN B 335 3.99 3.13 -12.50
C ASN B 335 3.71 2.06 -11.44
N VAL B 336 4.00 2.40 -10.19
CA VAL B 336 3.81 1.48 -9.04
C VAL B 336 2.93 2.18 -8.00
N THR B 337 1.94 1.44 -7.49
CA THR B 337 1.10 1.89 -6.35
C THR B 337 1.40 1.02 -5.13
N ALA B 338 1.49 1.66 -3.98
CA ALA B 338 1.61 0.98 -2.67
C ALA B 338 0.29 0.28 -2.35
N ASP B 339 -0.81 0.70 -2.95
CA ASP B 339 -2.16 0.24 -2.55
C ASP B 339 -3.05 0.13 -3.79
N LEU B 340 -3.04 -1.04 -4.44
CA LEU B 340 -3.84 -1.29 -5.67
C LEU B 340 -5.34 -1.19 -5.34
N ARG B 341 -5.73 -1.71 -4.18
CA ARG B 341 -7.16 -1.80 -3.79
C ARG B 341 -7.81 -0.41 -3.82
N LYS B 342 -7.09 0.66 -3.45
CA LYS B 342 -7.72 2.00 -3.27
C LYS B 342 -8.26 2.53 -4.61
N SER B 343 -7.76 2.02 -5.74
CA SER B 343 -8.11 2.52 -7.10
C SER B 343 -9.16 1.64 -7.78
N ARG B 344 -9.79 0.71 -7.04
CA ARG B 344 -10.75 -0.25 -7.65
C ARG B 344 -11.88 0.49 -8.39
N ALA B 345 -12.34 1.64 -7.89
CA ALA B 345 -13.42 2.44 -8.53
C ALA B 345 -13.01 2.88 -9.94
N ALA B 346 -11.70 2.91 -10.22
CA ALA B 346 -11.16 3.41 -11.50
C ALA B 346 -10.58 2.27 -12.35
N ARG B 347 -10.77 1.01 -11.97
CA ARG B 347 -10.26 -0.16 -12.74
C ARG B 347 -11.43 -1.05 -13.15
N ARG B 348 -11.24 -1.83 -14.21
CA ARG B 348 -12.35 -2.54 -14.89
C ARG B 348 -12.80 -3.73 -14.03
N ASP B 349 -11.87 -4.37 -13.33
CA ASP B 349 -12.13 -5.55 -12.47
C ASP B 349 -10.98 -5.67 -11.47
N ALA B 350 -11.06 -6.63 -10.54
CA ALA B 350 -10.11 -6.76 -9.40
C ALA B 350 -8.65 -6.80 -9.88
N GLN B 351 -8.34 -7.57 -10.93
CA GLN B 351 -6.95 -7.85 -11.36
C GLN B 351 -6.47 -6.82 -12.39
N ALA B 352 -7.40 -6.13 -13.06
CA ALA B 352 -7.04 -5.15 -14.12
C ALA B 352 -6.21 -4.02 -13.51
N ARG B 353 -5.18 -3.59 -14.24
CA ARG B 353 -4.18 -2.64 -13.71
C ARG B 353 -4.29 -1.27 -14.40
N VAL B 354 -5.30 -1.05 -15.25
CA VAL B 354 -5.34 0.19 -16.09
C VAL B 354 -6.29 1.21 -15.45
N LEU B 355 -5.75 2.30 -14.92
CA LEU B 355 -6.55 3.39 -14.28
C LEU B 355 -7.35 4.14 -15.36
N GLY B 356 -8.66 4.27 -15.15
CA GLY B 356 -9.58 4.98 -16.06
C GLY B 356 -10.26 4.05 -17.06
N GLU B 357 -10.09 2.73 -16.91
CA GLU B 357 -10.66 1.73 -17.83
C GLU B 357 -12.04 1.27 -17.30
N ALA B 358 -12.39 1.64 -16.07
CA ALA B 358 -13.77 1.70 -15.52
C ALA B 358 -13.73 1.66 -13.99
C1 PGE C . -8.37 -6.55 26.42
O1 PGE C . -9.09 -6.82 25.23
C2 PGE C . -9.04 -5.52 27.29
O2 PGE C . -8.64 -5.71 28.64
C3 PGE C . -8.37 -4.51 29.37
C4 PGE C . -7.70 -4.86 30.67
O4 PGE C . -4.29 -2.97 32.80
C6 PGE C . -5.70 -2.97 32.82
C5 PGE C . -6.31 -3.06 31.44
O3 PGE C . -7.58 -3.71 31.50
C ACT D . -11.78 -13.65 17.98
O ACT D . -11.52 -13.62 19.20
OXT ACT D . -11.75 -14.68 17.27
CH3 ACT D . -12.14 -12.32 17.32
C ACT E . -10.85 -8.41 17.71
O ACT E . -12.04 -8.09 17.50
OXT ACT E . -9.93 -8.21 16.89
CH3 ACT E . -10.52 -9.10 19.03
C1 PGE F . -25.67 -18.10 23.24
O1 PGE F . -26.59 -17.28 23.94
C2 PGE F . -25.25 -19.29 24.04
O2 PGE F . -24.08 -18.99 24.79
C3 PGE F . -23.48 -20.15 25.36
C4 PGE F . -22.23 -19.77 26.10
O4 PGE F . -22.87 -17.48 29.65
C6 PGE F . -21.97 -18.54 29.43
C5 PGE F . -21.46 -18.57 28.01
O3 PGE F . -22.54 -18.81 27.11
N DAR G . -11.83 -5.01 18.09
CA DAR G . -12.16 -5.29 19.53
CB DAR G . -13.24 -4.33 20.03
CG DAR G . -14.61 -4.55 19.40
CD DAR G . -15.49 -3.32 19.41
NE DAR G . -16.69 -3.40 18.59
CZ DAR G . -17.75 -4.16 18.84
NH1 DAR G . -17.70 -5.10 19.78
NH2 DAR G . -18.86 -4.00 18.14
C DAR G . -10.86 -5.19 20.35
O DAR G . -10.73 -5.62 21.51
OXT DAR G . -9.86 -4.68 19.83
#